data_3TR9
#
_entry.id   3TR9
#
_cell.length_a   86.877
_cell.length_b   86.883
_cell.length_c   158.159
_cell.angle_alpha   90.000
_cell.angle_beta   90.000
_cell.angle_gamma   90.000
#
_symmetry.space_group_name_H-M   'P 21 21 21'
#
loop_
_entity.id
_entity.type
_entity.pdbx_description
1 polymer 'Dihydropteroate synthase'
2 non-polymer 'PTEROIC ACID'
3 non-polymer 'CHLORIDE ION'
4 non-polymer 'SODIUM ION'
5 water water
#
_entity_poly.entity_id   1
_entity_poly.type   'polypeptide(L)'
_entity_poly.pdbx_seq_one_letter_code
;(MSE)(MSE)SKEAFFLKQSFHLRLRDDKRIVFSEPAV(MSE)GIINVSPNSFYHPHLDLNSALRTAEK(MSE)VDEGAD
ILDIGGEATNPFVDIKTDSPSTQIELDRLLPVIDAIKKRFPQLISVDTSRPRV(MSE)REAVNTGAD(MSE)INDQRALQ
LDDALTTVSALKTPVCL(MSE)HFPSETRKPGSTTHFYFLQSVKKELQESIQRCKKAGISEDRIIIDPGFGQGNYGKNVS
ENFYLLNKLPEFVA(MSE)GLPVLSGWSRKS(MSE)IGDVLNQPPENRLFGSIAADVLAVYHGASIIRTHDVKATREAIK
IATYTRSVDTIEEENLYFQGHHHHHHHHHH
;
_entity_poly.pdbx_strand_id   A,B,C,D
#
# COMPACT_ATOMS: atom_id res chain seq x y z
N SER A 12 -38.39 -15.25 4.37
CA SER A 12 -38.20 -14.26 5.42
C SER A 12 -37.27 -14.80 6.51
N PHE A 13 -36.97 -13.96 7.49
CA PHE A 13 -36.17 -14.39 8.63
C PHE A 13 -36.66 -13.73 9.91
N HIS A 14 -36.21 -14.24 11.04
CA HIS A 14 -36.59 -13.66 12.31
C HIS A 14 -35.36 -13.59 13.21
N LEU A 15 -35.47 -12.79 14.26
CA LEU A 15 -34.46 -12.78 15.31
C LEU A 15 -35.16 -13.02 16.65
N ARG A 16 -34.58 -13.87 17.47
CA ARG A 16 -35.15 -14.12 18.79
C ARG A 16 -34.43 -13.28 19.81
N LEU A 17 -35.14 -12.34 20.41
CA LEU A 17 -34.55 -11.44 21.39
C LEU A 17 -34.34 -12.20 22.70
N ARG A 18 -33.60 -11.59 23.62
CA ARG A 18 -33.24 -12.28 24.85
C ARG A 18 -34.45 -12.64 25.71
N ASP A 19 -35.57 -11.98 25.47
CA ASP A 19 -36.80 -12.27 26.21
C ASP A 19 -37.69 -13.23 25.43
N ASP A 20 -37.09 -13.88 24.43
CA ASP A 20 -37.75 -14.91 23.63
C ASP A 20 -38.74 -14.39 22.60
N LYS A 21 -38.94 -13.08 22.54
CA LYS A 21 -39.86 -12.55 21.55
C LYS A 21 -39.22 -12.58 20.16
N ARG A 22 -39.99 -13.01 19.17
CA ARG A 22 -39.48 -13.17 17.83
C ARG A 22 -39.87 -11.99 16.96
N ILE A 23 -38.86 -11.30 16.43
CA ILE A 23 -39.09 -10.22 15.50
C ILE A 23 -39.00 -10.78 14.11
N VAL A 24 -40.08 -10.70 13.36
CA VAL A 24 -40.12 -11.26 12.01
C VAL A 24 -39.89 -10.18 10.97
N PHE A 25 -38.95 -10.44 10.06
CA PHE A 25 -38.71 -9.51 8.96
C PHE A 25 -39.14 -10.13 7.63
N SER A 26 -40.18 -9.56 7.03
CA SER A 26 -40.73 -10.10 5.78
C SER A 26 -39.97 -9.58 4.57
N GLU A 27 -39.15 -8.56 4.79
CA GLU A 27 -38.29 -8.00 3.76
C GLU A 27 -36.97 -7.63 4.44
N PRO A 28 -35.91 -7.38 3.66
CA PRO A 28 -34.63 -7.07 4.29
C PRO A 28 -34.74 -5.91 5.28
N ALA A 29 -33.99 -5.99 6.37
CA ALA A 29 -33.99 -4.95 7.38
C ALA A 29 -32.96 -3.88 7.05
N VAL A 30 -33.27 -2.64 7.41
CA VAL A 30 -32.33 -1.55 7.24
C VAL A 30 -31.80 -1.13 8.61
N GLY A 32 -29.60 1.49 10.42
CA GLY A 32 -28.95 2.80 10.38
C GLY A 32 -27.75 2.88 11.32
N ILE A 33 -26.74 3.60 10.90
CA ILE A 33 -25.49 3.68 11.65
C ILE A 33 -25.36 4.96 12.47
N ILE A 34 -25.01 4.81 13.74
CA ILE A 34 -24.66 5.98 14.54
C ILE A 34 -23.31 5.75 15.23
N ASN A 35 -22.25 6.31 14.66
CA ASN A 35 -20.92 6.19 15.22
C ASN A 35 -20.67 7.31 16.23
N VAL A 36 -20.25 6.95 17.44
CA VAL A 36 -20.10 7.95 18.48
C VAL A 36 -18.68 8.09 19.01
N SER A 37 -17.71 7.61 18.22
CA SER A 37 -16.30 7.81 18.53
C SER A 37 -15.72 8.90 17.62
N PRO A 38 -14.79 9.70 18.14
CA PRO A 38 -14.17 10.75 17.32
C PRO A 38 -13.39 10.23 16.11
N ASN A 39 -12.86 9.01 16.18
CA ASN A 39 -12.09 8.47 15.07
C ASN A 39 -12.91 7.53 14.20
N SER A 40 -14.22 7.69 14.23
CA SER A 40 -15.11 6.78 13.53
C SER A 40 -15.27 7.19 12.07
N PHE A 41 -15.84 6.29 11.28
CA PHE A 41 -15.93 6.48 9.86
C PHE A 41 -17.11 7.37 9.44
N TYR A 42 -16.88 8.17 8.39
CA TYR A 42 -17.92 8.97 7.72
C TYR A 42 -18.47 10.16 8.49
N HIS A 43 -19.20 9.89 9.56
CA HIS A 43 -19.83 10.94 10.35
C HIS A 43 -19.69 10.63 11.84
N PRO A 44 -18.62 11.13 12.46
CA PRO A 44 -18.48 10.89 13.91
C PRO A 44 -19.42 11.81 14.67
N HIS A 45 -20.21 11.26 15.59
CA HIS A 45 -21.06 12.09 16.42
C HIS A 45 -20.30 12.47 17.70
N LEU A 46 -20.04 13.76 17.85
CA LEU A 46 -19.11 14.23 18.88
C LEU A 46 -19.78 14.58 20.21
N ASP A 47 -21.10 14.48 20.26
CA ASP A 47 -21.85 14.67 21.51
C ASP A 47 -23.19 13.95 21.48
N LEU A 48 -23.85 13.90 22.63
CA LEU A 48 -25.13 13.20 22.75
C LEU A 48 -26.22 13.78 21.84
N ASN A 49 -26.37 15.10 21.85
CA ASN A 49 -27.42 15.74 21.06
C ASN A 49 -27.32 15.40 19.57
N SER A 50 -26.11 15.47 19.02
CA SER A 50 -25.93 15.19 17.60
C SER A 50 -26.28 13.74 17.28
N ALA A 51 -25.93 12.83 18.19
CA ALA A 51 -26.28 11.42 18.01
C ALA A 51 -27.80 11.24 17.98
N LEU A 52 -28.50 11.93 18.86
CA LEU A 52 -29.96 11.86 18.90
C LEU A 52 -30.64 12.49 17.67
N ARG A 53 -30.04 13.54 17.12
CA ARG A 53 -30.62 14.15 15.93
C ARG A 53 -30.59 13.14 14.78
N THR A 54 -29.47 12.43 14.66
CA THR A 54 -29.35 11.43 13.62
C THR A 54 -30.33 10.27 13.85
N ALA A 55 -30.43 9.79 15.08
CA ALA A 55 -31.39 8.72 15.39
C ALA A 55 -32.79 9.14 14.98
N GLU A 56 -33.18 10.35 15.37
CA GLU A 56 -34.50 10.86 15.01
C GLU A 56 -34.70 10.87 13.49
N LYS A 57 -33.69 11.32 12.76
CA LYS A 57 -33.80 11.33 11.30
C LYS A 57 -33.96 9.93 10.72
N VAL A 59 -34.99 7.22 12.24
CA VAL A 59 -36.27 6.68 12.65
C VAL A 59 -37.38 7.16 11.71
N ASP A 60 -37.36 8.45 11.41
CA ASP A 60 -38.33 9.04 10.48
C ASP A 60 -38.15 8.49 9.06
N GLU A 61 -36.92 8.11 8.71
CA GLU A 61 -36.65 7.54 7.39
C GLU A 61 -36.95 6.04 7.34
N GLY A 62 -37.37 5.49 8.48
CA GLY A 62 -37.87 4.13 8.53
C GLY A 62 -36.87 3.03 8.85
N ALA A 63 -35.85 3.37 9.63
CA ALA A 63 -34.89 2.35 10.08
C ALA A 63 -35.57 1.22 10.85
N ASP A 64 -35.05 0.02 10.69
CA ASP A 64 -35.50 -1.12 11.51
C ASP A 64 -34.59 -1.32 12.73
N ILE A 65 -33.31 -1.02 12.57
CA ILE A 65 -32.33 -1.19 13.62
C ILE A 65 -31.43 0.04 13.65
N LEU A 66 -31.00 0.45 14.83
CA LEU A 66 -29.97 1.49 14.96
C LEU A 66 -28.71 0.88 15.55
N ASP A 67 -27.62 0.89 14.79
CA ASP A 67 -26.35 0.31 15.24
C ASP A 67 -25.44 1.38 15.82
N ILE A 68 -25.20 1.29 17.14
CA ILE A 68 -24.42 2.30 17.85
C ILE A 68 -23.04 1.74 18.18
N GLY A 69 -22.00 2.45 17.77
CA GLY A 69 -20.64 2.02 18.08
C GLY A 69 -19.76 3.18 18.48
N GLY A 70 -18.92 2.96 19.49
CA GLY A 70 -18.06 4.03 19.98
C GLY A 70 -16.69 3.55 20.42
N GLU A 71 -16.18 2.52 19.76
CA GLU A 71 -14.88 1.96 20.10
C GLU A 71 -13.77 3.00 20.01
N ALA A 72 -12.97 3.10 21.07
CA ALA A 72 -11.83 4.01 21.12
C ALA A 72 -10.57 3.32 20.59
N THR A 73 -10.30 2.12 21.09
CA THR A 73 -9.11 1.38 20.71
C THR A 73 -9.42 -0.08 20.40
N ASN A 74 -8.50 -0.72 19.68
CA ASN A 74 -8.60 -2.15 19.40
C ASN A 74 -8.23 -2.94 20.66
N PRO A 75 -9.15 -3.78 21.15
CA PRO A 75 -8.90 -4.51 22.40
C PRO A 75 -7.79 -5.55 22.29
N PHE A 76 -7.39 -5.89 21.06
CA PHE A 76 -6.30 -6.85 20.87
C PHE A 76 -4.94 -6.20 21.05
N VAL A 77 -4.93 -4.88 21.15
CA VAL A 77 -3.68 -4.13 21.28
C VAL A 77 -3.69 -3.35 22.59
N SER A 83 -10.75 -1.19 32.06
CA SER A 83 -9.68 -0.40 31.46
C SER A 83 -10.18 1.00 31.10
N PRO A 84 -9.25 1.92 30.84
CA PRO A 84 -9.63 3.30 30.49
C PRO A 84 -10.40 3.36 29.17
N SER A 85 -9.94 2.67 28.14
CA SER A 85 -10.64 2.68 26.86
C SER A 85 -12.01 2.02 26.96
N THR A 86 -12.13 0.98 27.77
CA THR A 86 -13.41 0.32 27.95
C THR A 86 -14.42 1.31 28.55
N GLN A 87 -13.95 2.08 29.54
CA GLN A 87 -14.81 3.05 30.21
C GLN A 87 -15.18 4.20 29.29
N ILE A 88 -14.21 4.63 28.48
CA ILE A 88 -14.44 5.68 27.49
C ILE A 88 -15.51 5.25 26.48
N GLU A 89 -15.41 4.01 26.03
CA GLU A 89 -16.40 3.44 25.13
C GLU A 89 -17.79 3.42 25.78
N LEU A 90 -17.85 3.04 27.05
CA LEU A 90 -19.10 3.03 27.79
C LEU A 90 -19.69 4.43 27.94
N ASP A 91 -18.85 5.40 28.29
CA ASP A 91 -19.30 6.76 28.49
C ASP A 91 -19.93 7.33 27.23
N ARG A 92 -19.46 6.87 26.08
CA ARG A 92 -20.00 7.33 24.80
C ARG A 92 -21.27 6.59 24.42
N LEU A 93 -21.32 5.29 24.69
CA LEU A 93 -22.42 4.44 24.21
C LEU A 93 -23.70 4.53 25.02
N LEU A 94 -23.59 4.32 26.32
CA LEU A 94 -24.76 4.14 27.18
C LEU A 94 -25.80 5.26 27.12
N PRO A 95 -25.38 6.53 27.19
CA PRO A 95 -26.35 7.63 27.12
C PRO A 95 -27.14 7.64 25.81
N VAL A 96 -26.50 7.25 24.71
CA VAL A 96 -27.18 7.21 23.42
C VAL A 96 -28.19 6.07 23.40
N ILE A 97 -27.77 4.90 23.87
CA ILE A 97 -28.63 3.74 23.90
C ILE A 97 -29.83 4.00 24.81
N ASP A 98 -29.55 4.54 25.99
CA ASP A 98 -30.60 4.84 26.95
C ASP A 98 -31.63 5.83 26.38
N ALA A 99 -31.15 6.89 25.74
CA ALA A 99 -32.05 7.89 25.17
C ALA A 99 -32.91 7.29 24.06
N ILE A 100 -32.29 6.47 23.20
CA ILE A 100 -33.01 5.84 22.10
C ILE A 100 -34.03 4.81 22.61
N LYS A 101 -33.63 4.04 23.61
CA LYS A 101 -34.51 3.03 24.20
C LYS A 101 -35.80 3.67 24.75
N LYS A 102 -35.63 4.84 25.35
CA LYS A 102 -36.76 5.57 25.94
C LYS A 102 -37.64 6.25 24.88
N ARG A 103 -37.02 6.67 23.78
CA ARG A 103 -37.72 7.49 22.79
C ARG A 103 -38.32 6.72 21.62
N PHE A 104 -37.63 5.68 21.16
CA PHE A 104 -38.00 5.04 19.89
C PHE A 104 -38.26 3.55 20.02
N PRO A 105 -39.03 2.98 19.07
CA PRO A 105 -39.35 1.55 19.08
C PRO A 105 -38.29 0.69 18.38
N GLN A 106 -37.38 1.33 17.65
CA GLN A 106 -36.37 0.60 16.88
C GLN A 106 -35.54 -0.39 17.69
N LEU A 107 -35.17 -1.49 17.06
CA LEU A 107 -34.20 -2.40 17.63
C LEU A 107 -32.85 -1.69 17.72
N ILE A 108 -32.12 -1.95 18.80
CA ILE A 108 -30.83 -1.33 18.99
C ILE A 108 -29.72 -2.37 18.93
N SER A 109 -28.72 -2.10 18.10
CA SER A 109 -27.54 -2.95 17.97
C SER A 109 -26.34 -2.22 18.54
N VAL A 110 -25.51 -2.91 19.30
CA VAL A 110 -24.28 -2.32 19.78
C VAL A 110 -23.08 -2.92 19.06
N ASP A 111 -22.30 -2.06 18.43
CA ASP A 111 -21.11 -2.45 17.67
C ASP A 111 -19.89 -2.38 18.60
N THR A 112 -19.52 -3.53 19.16
CA THR A 112 -18.37 -3.59 20.07
C THR A 112 -17.73 -4.97 20.06
N SER A 113 -16.50 -5.05 20.56
CA SER A 113 -15.79 -6.31 20.68
C SER A 113 -15.51 -6.69 22.14
N ARG A 114 -15.92 -5.81 23.06
CA ARG A 114 -15.61 -5.97 24.48
C ARG A 114 -16.78 -6.55 25.27
N PRO A 115 -16.56 -7.70 25.94
CA PRO A 115 -17.60 -8.35 26.75
C PRO A 115 -18.29 -7.43 27.75
N ARG A 116 -17.54 -6.57 28.44
CA ARG A 116 -18.14 -5.67 29.41
C ARG A 116 -19.03 -4.63 28.75
N VAL A 117 -18.60 -4.13 27.60
CA VAL A 117 -19.42 -3.17 26.86
C VAL A 117 -20.70 -3.88 26.41
N ARG A 119 -22.26 -6.39 27.92
CA ARG A 119 -23.15 -6.58 29.05
C ARG A 119 -23.87 -5.30 29.42
N GLU A 120 -23.11 -4.22 29.58
CA GLU A 120 -23.70 -2.96 30.02
C GLU A 120 -24.61 -2.35 28.94
N ALA A 121 -24.23 -2.48 27.67
CA ALA A 121 -25.06 -2.00 26.59
C ALA A 121 -26.39 -2.74 26.55
N VAL A 122 -26.35 -4.06 26.70
CA VAL A 122 -27.58 -4.85 26.67
C VAL A 122 -28.48 -4.53 27.88
N ASN A 123 -27.88 -4.39 29.06
CA ASN A 123 -28.65 -4.00 30.23
C ASN A 123 -29.30 -2.63 30.07
N THR A 124 -28.71 -1.80 29.23
CA THR A 124 -29.20 -0.44 29.01
C THR A 124 -30.27 -0.41 27.92
N GLY A 125 -30.40 -1.52 27.19
CA GLY A 125 -31.48 -1.62 26.23
C GLY A 125 -31.11 -2.15 24.85
N ALA A 126 -29.83 -2.40 24.61
CA ALA A 126 -29.43 -2.96 23.32
C ALA A 126 -30.06 -4.34 23.10
N ASP A 127 -30.55 -4.59 21.89
CA ASP A 127 -31.26 -5.84 21.58
C ASP A 127 -30.35 -6.89 20.95
N ILE A 129 -25.98 -7.69 19.41
CA ILE A 129 -24.58 -7.30 19.43
C ILE A 129 -23.99 -7.48 18.04
N ASN A 130 -23.30 -6.45 17.56
CA ASN A 130 -22.64 -6.51 16.27
C ASN A 130 -21.13 -6.51 16.48
N ASP A 131 -20.49 -7.65 16.23
CA ASP A 131 -19.05 -7.74 16.47
C ASP A 131 -18.24 -7.96 15.18
N GLN A 132 -17.53 -6.91 14.79
CA GLN A 132 -16.62 -6.95 13.66
C GLN A 132 -15.56 -8.02 13.85
N ARG A 133 -15.29 -8.34 15.11
CA ARG A 133 -14.23 -9.30 15.42
C ARG A 133 -14.76 -10.66 15.83
N ALA A 134 -16.04 -10.89 15.55
CA ALA A 134 -16.64 -12.23 15.63
C ALA A 134 -16.45 -12.90 16.99
N LEU A 135 -16.61 -12.13 18.07
CA LEU A 135 -16.52 -12.67 19.42
C LEU A 135 -15.21 -13.41 19.71
N GLN A 136 -14.13 -12.99 19.03
CA GLN A 136 -12.82 -13.64 19.25
C GLN A 136 -12.14 -13.17 20.54
N LEU A 137 -12.56 -12.03 21.10
CA LEU A 137 -11.92 -11.55 22.31
C LEU A 137 -12.31 -12.41 23.50
N ASP A 138 -11.36 -12.64 24.40
CA ASP A 138 -11.60 -13.44 25.59
C ASP A 138 -12.94 -13.17 26.23
N ASP A 139 -13.73 -14.23 26.39
CA ASP A 139 -14.98 -14.18 27.14
C ASP A 139 -16.17 -13.67 26.31
N ALA A 140 -15.95 -13.30 25.06
CA ALA A 140 -17.03 -12.75 24.24
C ALA A 140 -18.09 -13.81 23.94
N LEU A 141 -17.65 -15.01 23.56
CA LEU A 141 -18.58 -16.09 23.24
C LEU A 141 -19.48 -16.41 24.42
N THR A 142 -18.88 -16.58 25.60
CA THR A 142 -19.65 -16.93 26.77
C THR A 142 -20.59 -15.80 27.15
N THR A 143 -20.11 -14.57 26.98
CA THR A 143 -20.91 -13.40 27.32
C THR A 143 -22.19 -13.32 26.48
N VAL A 144 -22.05 -13.48 25.16
CA VAL A 144 -23.19 -13.42 24.27
C VAL A 144 -24.11 -14.61 24.49
N SER A 145 -23.53 -15.78 24.76
CA SER A 145 -24.35 -16.95 25.07
C SER A 145 -25.20 -16.70 26.32
N ALA A 146 -24.62 -16.06 27.33
CA ALA A 146 -25.36 -15.77 28.55
C ALA A 146 -26.38 -14.64 28.36
N LEU A 147 -26.03 -13.64 27.55
CA LEU A 147 -26.92 -12.52 27.28
C LEU A 147 -28.14 -12.95 26.48
N LYS A 148 -28.00 -14.02 25.71
CA LYS A 148 -29.10 -14.55 24.89
C LYS A 148 -29.63 -13.57 23.83
N THR A 149 -28.75 -12.70 23.34
CA THR A 149 -29.12 -11.77 22.27
C THR A 149 -28.65 -12.29 20.93
N PRO A 150 -29.32 -11.86 19.84
CA PRO A 150 -28.79 -12.13 18.51
C PRO A 150 -27.42 -11.47 18.37
N VAL A 151 -26.57 -12.01 17.52
CA VAL A 151 -25.26 -11.43 17.31
C VAL A 151 -24.89 -11.49 15.83
N CYS A 152 -24.25 -10.44 15.32
CA CYS A 152 -23.68 -10.47 13.98
C CYS A 152 -22.19 -10.79 14.05
N LEU A 153 -21.78 -11.81 13.31
CA LEU A 153 -20.39 -12.21 13.24
C LEU A 153 -19.83 -11.82 11.89
N HIS A 155 -16.55 -11.32 9.10
CA HIS A 155 -15.23 -11.81 8.71
C HIS A 155 -14.19 -10.95 9.43
N PHE A 156 -13.34 -11.60 10.22
CA PHE A 156 -12.38 -10.89 11.07
C PHE A 156 -11.47 -9.99 10.25
N PRO A 157 -11.36 -8.72 10.64
CA PRO A 157 -10.54 -7.76 9.90
C PRO A 157 -9.06 -8.01 10.11
N SER A 158 -8.40 -8.53 9.08
CA SER A 158 -6.99 -8.82 9.16
C SER A 158 -6.16 -7.66 8.65
N GLU A 159 -5.55 -6.91 9.57
CA GLU A 159 -4.74 -5.75 9.23
C GLU A 159 -3.46 -6.13 8.53
N THR A 160 -3.06 -7.40 8.62
CA THR A 160 -1.77 -7.81 8.06
C THR A 160 -1.86 -8.53 6.71
N ARG A 161 -3.05 -8.94 6.31
CA ARG A 161 -3.17 -9.64 5.04
C ARG A 161 -2.81 -8.71 3.89
N LYS A 162 -2.05 -9.21 2.94
CA LYS A 162 -1.80 -8.43 1.72
C LYS A 162 -2.85 -8.77 0.68
N PRO A 163 -3.72 -7.81 0.35
CA PRO A 163 -4.75 -8.10 -0.64
C PRO A 163 -4.13 -8.60 -1.94
N GLY A 164 -4.77 -9.58 -2.57
CA GLY A 164 -4.28 -10.13 -3.82
C GLY A 164 -3.29 -11.27 -3.63
N SER A 165 -2.96 -11.59 -2.37
CA SER A 165 -1.95 -12.62 -2.09
C SER A 165 -2.47 -14.04 -2.35
N THR A 166 -3.79 -14.15 -2.52
CA THR A 166 -4.39 -15.36 -3.09
C THR A 166 -5.37 -14.92 -4.16
N THR A 167 -5.82 -15.86 -4.97
CA THR A 167 -6.76 -15.52 -6.04
C THR A 167 -8.14 -15.26 -5.45
N HIS A 168 -9.01 -14.62 -6.22
CA HIS A 168 -10.36 -14.30 -5.75
C HIS A 168 -11.07 -15.55 -5.28
N PHE A 169 -10.97 -16.63 -6.06
CA PHE A 169 -11.62 -17.88 -5.71
C PHE A 169 -11.15 -18.42 -4.35
N TYR A 170 -9.85 -18.43 -4.14
CA TYR A 170 -9.31 -18.94 -2.87
C TYR A 170 -9.62 -18.02 -1.70
N PHE A 171 -9.57 -16.72 -1.94
CA PHE A 171 -9.89 -15.79 -0.87
C PHE A 171 -11.35 -15.98 -0.46
N LEU A 172 -12.24 -16.10 -1.45
CA LEU A 172 -13.64 -16.36 -1.18
C LEU A 172 -13.80 -17.62 -0.34
N GLN A 173 -13.10 -18.69 -0.72
CA GLN A 173 -13.19 -19.95 0.03
C GLN A 173 -12.73 -19.78 1.49
N SER A 174 -11.74 -18.91 1.70
CA SER A 174 -11.21 -18.72 3.06
C SER A 174 -12.18 -17.89 3.89
N VAL A 175 -12.87 -16.95 3.24
CA VAL A 175 -13.87 -16.16 3.95
C VAL A 175 -15.04 -17.03 4.38
N LYS A 176 -15.50 -17.88 3.48
CA LYS A 176 -16.58 -18.81 3.76
C LYS A 176 -16.20 -19.76 4.89
N LYS A 177 -14.99 -20.29 4.83
CA LYS A 177 -14.52 -21.22 5.85
C LYS A 177 -14.45 -20.55 7.21
N GLU A 178 -14.00 -19.31 7.24
CA GLU A 178 -13.88 -18.61 8.52
C GLU A 178 -15.26 -18.33 9.12
N LEU A 179 -16.19 -17.91 8.27
CA LEU A 179 -17.55 -17.66 8.74
C LEU A 179 -18.19 -18.95 9.24
N GLN A 180 -17.96 -20.05 8.54
CA GLN A 180 -18.48 -21.34 8.98
C GLN A 180 -17.91 -21.75 10.35
N GLU A 181 -16.65 -21.43 10.58
CA GLU A 181 -16.03 -21.73 11.87
C GLU A 181 -16.59 -20.85 12.98
N SER A 182 -16.85 -19.58 12.68
CA SER A 182 -17.43 -18.67 13.67
C SER A 182 -18.83 -19.10 14.05
N ILE A 183 -19.61 -19.55 13.07
CA ILE A 183 -20.92 -20.12 13.35
C ILE A 183 -20.79 -21.29 14.32
N GLN A 184 -19.87 -22.20 14.03
CA GLN A 184 -19.67 -23.38 14.89
C GLN A 184 -19.19 -23.02 16.28
N ARG A 185 -18.30 -22.03 16.38
CA ARG A 185 -17.84 -21.57 17.68
C ARG A 185 -19.02 -21.10 18.49
N CYS A 186 -19.93 -20.38 17.85
CA CYS A 186 -21.12 -19.86 18.51
C CYS A 186 -22.04 -20.99 18.98
N LYS A 187 -22.31 -21.93 18.09
CA LYS A 187 -23.19 -23.04 18.43
C LYS A 187 -22.64 -23.88 19.58
N LYS A 188 -21.34 -24.12 19.56
CA LYS A 188 -20.69 -24.87 20.63
C LYS A 188 -20.84 -24.15 21.97
N ALA A 189 -20.83 -22.82 21.92
CA ALA A 189 -20.92 -22.00 23.12
C ALA A 189 -22.35 -21.84 23.65
N GLY A 190 -23.32 -22.36 22.91
CA GLY A 190 -24.70 -22.33 23.38
C GLY A 190 -25.50 -21.16 22.81
N ILE A 191 -24.93 -20.47 21.82
CA ILE A 191 -25.68 -19.46 21.10
C ILE A 191 -26.59 -20.13 20.06
N SER A 192 -27.87 -19.85 20.13
CA SER A 192 -28.85 -20.53 19.28
C SER A 192 -28.81 -20.01 17.84
N GLU A 193 -29.15 -20.89 16.90
CA GLU A 193 -29.06 -20.56 15.48
C GLU A 193 -29.85 -19.31 15.07
N ASP A 194 -30.96 -19.06 15.76
CA ASP A 194 -31.86 -17.96 15.39
C ASP A 194 -31.42 -16.62 15.99
N ARG A 195 -30.17 -16.58 16.41
CA ARG A 195 -29.59 -15.37 16.96
C ARG A 195 -28.21 -15.12 16.34
N ILE A 196 -27.97 -15.75 15.21
CA ILE A 196 -26.70 -15.62 14.50
C ILE A 196 -26.87 -14.97 13.12
N ILE A 197 -26.13 -13.90 12.87
CA ILE A 197 -26.13 -13.20 11.59
C ILE A 197 -24.68 -13.21 11.12
N ILE A 198 -24.45 -13.39 9.81
CA ILE A 198 -23.07 -13.36 9.31
C ILE A 198 -22.84 -12.25 8.29
N ASP A 199 -21.58 -11.83 8.15
CA ASP A 199 -21.24 -10.64 7.36
C ASP A 199 -19.84 -10.83 6.75
N PRO A 200 -19.72 -10.76 5.42
CA PRO A 200 -18.40 -11.04 4.82
C PRO A 200 -17.37 -9.93 5.04
N GLY A 201 -17.76 -8.85 5.70
CA GLY A 201 -16.82 -7.80 6.08
C GLY A 201 -16.33 -6.93 4.92
N PHE A 202 -17.25 -6.24 4.26
CA PHE A 202 -16.86 -5.39 3.12
C PHE A 202 -16.07 -4.19 3.61
N GLY A 203 -14.98 -3.86 2.91
CA GLY A 203 -14.12 -2.75 3.31
C GLY A 203 -12.68 -2.95 2.91
N GLN A 204 -11.90 -1.89 2.95
CA GLN A 204 -10.46 -1.99 2.74
C GLN A 204 -9.73 -1.67 4.05
N GLY A 205 -8.52 -1.12 3.97
CA GLY A 205 -7.77 -0.80 5.17
C GLY A 205 -7.60 -2.02 6.06
N ASN A 206 -8.00 -1.90 7.33
CA ASN A 206 -7.84 -2.99 8.29
C ASN A 206 -8.69 -4.20 7.96
N TYR A 207 -9.62 -4.05 7.01
CA TYR A 207 -10.47 -5.16 6.64
C TYR A 207 -9.75 -6.13 5.68
N GLY A 208 -8.51 -5.81 5.32
CA GLY A 208 -7.67 -6.75 4.58
C GLY A 208 -8.20 -7.23 3.23
N LYS A 209 -8.84 -6.33 2.50
CA LYS A 209 -9.32 -6.62 1.16
C LYS A 209 -9.04 -5.43 0.24
N ASN A 210 -8.85 -5.68 -1.05
CA ASN A 210 -8.76 -4.58 -2.02
C ASN A 210 -10.07 -4.41 -2.76
N VAL A 211 -10.10 -3.51 -3.74
CA VAL A 211 -11.35 -3.21 -4.43
C VAL A 211 -11.92 -4.42 -5.14
N SER A 212 -11.09 -5.11 -5.92
CA SER A 212 -11.57 -6.25 -6.70
C SER A 212 -12.07 -7.39 -5.81
N GLU A 213 -11.42 -7.61 -4.68
CA GLU A 213 -11.84 -8.67 -3.77
C GLU A 213 -13.22 -8.34 -3.19
N ASN A 214 -13.44 -7.08 -2.86
CA ASN A 214 -14.75 -6.68 -2.36
C ASN A 214 -15.85 -6.92 -3.39
N PHE A 215 -15.61 -6.51 -4.62
CA PHE A 215 -16.60 -6.71 -5.67
C PHE A 215 -16.82 -8.19 -5.98
N TYR A 216 -15.78 -8.99 -5.83
CA TYR A 216 -15.90 -10.43 -6.05
C TYR A 216 -16.80 -11.05 -4.97
N LEU A 217 -16.61 -10.65 -3.72
CA LEU A 217 -17.45 -11.15 -2.64
C LEU A 217 -18.91 -10.74 -2.84
N LEU A 218 -19.12 -9.51 -3.31
CA LEU A 218 -20.48 -9.03 -3.57
C LEU A 218 -21.13 -9.82 -4.70
N ASN A 219 -20.39 -10.02 -5.78
CA ASN A 219 -20.93 -10.80 -6.90
C ASN A 219 -21.25 -12.23 -6.46
N LYS A 220 -20.47 -12.73 -5.51
CA LYS A 220 -20.62 -14.11 -5.06
C LYS A 220 -21.43 -14.22 -3.77
N LEU A 221 -22.12 -13.15 -3.41
CA LEU A 221 -22.88 -13.13 -2.16
C LEU A 221 -23.84 -14.31 -2.01
N PRO A 222 -24.41 -14.81 -3.13
CA PRO A 222 -25.34 -15.92 -2.92
C PRO A 222 -24.67 -17.09 -2.22
N GLU A 223 -23.35 -17.23 -2.35
CA GLU A 223 -22.65 -18.31 -1.66
C GLU A 223 -22.69 -18.15 -0.16
N PHE A 224 -22.76 -16.92 0.35
CA PHE A 224 -22.92 -16.70 1.78
C PHE A 224 -24.36 -16.92 2.20
N VAL A 225 -25.29 -16.48 1.35
CA VAL A 225 -26.71 -16.64 1.63
C VAL A 225 -27.10 -18.11 1.75
N ALA A 226 -26.44 -18.96 0.97
CA ALA A 226 -26.75 -20.39 0.98
C ALA A 226 -26.32 -21.10 2.26
N GLY A 228 -27.40 -20.39 5.07
CA GLY A 228 -28.64 -20.60 5.79
C GLY A 228 -28.95 -19.63 6.92
N LEU A 229 -28.09 -18.64 7.12
CA LEU A 229 -28.31 -17.63 8.14
C LEU A 229 -28.47 -16.28 7.47
N PRO A 230 -29.16 -15.34 8.14
CA PRO A 230 -29.27 -14.01 7.55
C PRO A 230 -27.89 -13.40 7.33
N VAL A 231 -27.72 -12.77 6.18
CA VAL A 231 -26.46 -12.17 5.82
C VAL A 231 -26.59 -10.65 5.87
N LEU A 232 -25.64 -10.00 6.55
CA LEU A 232 -25.60 -8.55 6.65
C LEU A 232 -24.52 -8.02 5.74
N SER A 233 -24.80 -6.90 5.07
CA SER A 233 -23.84 -6.28 4.16
C SER A 233 -23.75 -4.78 4.44
N GLY A 234 -22.53 -4.28 4.52
CA GLY A 234 -22.30 -2.86 4.75
C GLY A 234 -21.29 -2.26 3.79
N TRP A 235 -21.78 -1.63 2.72
CA TRP A 235 -20.93 -0.95 1.75
C TRP A 235 -20.92 0.55 1.98
N SER A 236 -21.87 1.02 2.79
CA SER A 236 -22.24 2.44 2.82
C SER A 236 -21.07 3.44 2.91
N ARG A 237 -20.88 4.22 1.85
CA ARG A 237 -19.94 5.34 1.87
C ARG A 237 -18.47 4.91 1.91
N LYS A 238 -18.22 3.61 1.78
CA LYS A 238 -16.86 3.08 1.94
C LYS A 238 -15.89 3.35 0.79
N SER A 239 -14.61 3.12 1.05
CA SER A 239 -13.54 3.47 0.12
C SER A 239 -13.62 2.77 -1.24
N ILE A 241 -16.17 2.44 -3.01
CA ILE A 241 -16.99 3.31 -3.84
C ILE A 241 -16.19 4.56 -4.19
N GLY A 242 -15.48 5.10 -3.22
CA GLY A 242 -14.60 6.24 -3.47
C GLY A 242 -13.54 5.96 -4.53
N ASP A 243 -12.92 4.79 -4.47
CA ASP A 243 -11.88 4.43 -5.45
C ASP A 243 -12.45 4.27 -6.86
N VAL A 244 -13.60 3.62 -6.99
CA VAL A 244 -14.22 3.43 -8.31
C VAL A 244 -14.73 4.74 -8.90
N LEU A 245 -15.34 5.58 -8.08
CA LEU A 245 -15.93 6.83 -8.56
C LEU A 245 -14.97 8.02 -8.51
N ASN A 246 -13.84 7.84 -7.83
CA ASN A 246 -12.95 8.95 -7.51
C ASN A 246 -13.70 10.08 -6.81
N GLN A 247 -14.30 9.77 -5.67
CA GLN A 247 -15.11 10.72 -4.92
C GLN A 247 -14.83 10.61 -3.44
N PRO A 248 -14.88 11.76 -2.72
CA PRO A 248 -14.82 11.77 -1.25
C PRO A 248 -16.12 11.22 -0.68
N PRO A 249 -16.14 10.92 0.64
CA PRO A 249 -17.25 10.18 1.25
C PRO A 249 -18.62 10.83 1.08
N GLU A 250 -18.69 12.16 1.11
CA GLU A 250 -19.97 12.85 0.97
C GLU A 250 -20.59 12.68 -0.44
N ASN A 251 -19.79 12.22 -1.40
CA ASN A 251 -20.28 12.04 -2.77
C ASN A 251 -20.47 10.59 -3.19
N ARG A 252 -20.57 9.69 -2.22
CA ARG A 252 -20.67 8.26 -2.50
C ARG A 252 -22.08 7.68 -2.35
N LEU A 253 -23.08 8.54 -2.23
CA LEU A 253 -24.44 8.03 -2.02
C LEU A 253 -24.91 7.08 -3.14
N PHE A 254 -24.78 7.49 -4.39
CA PHE A 254 -25.37 6.71 -5.46
C PHE A 254 -24.63 5.40 -5.71
N GLY A 255 -23.31 5.45 -5.59
CA GLY A 255 -22.53 4.23 -5.64
C GLY A 255 -22.89 3.27 -4.52
N SER A 256 -23.13 3.80 -3.31
CA SER A 256 -23.43 2.96 -2.16
C SER A 256 -24.78 2.26 -2.31
N ILE A 257 -25.76 3.02 -2.78
CA ILE A 257 -27.09 2.48 -3.06
C ILE A 257 -27.01 1.31 -4.03
N ALA A 258 -26.18 1.44 -5.05
CA ALA A 258 -26.01 0.40 -6.06
C ALA A 258 -25.51 -0.90 -5.44
N ALA A 259 -24.57 -0.78 -4.52
CA ALA A 259 -24.02 -1.95 -3.83
C ALA A 259 -25.08 -2.60 -2.94
N ASP A 260 -25.90 -1.79 -2.28
CA ASP A 260 -26.99 -2.31 -1.44
C ASP A 260 -28.02 -3.02 -2.29
N VAL A 261 -28.32 -2.44 -3.45
CA VAL A 261 -29.25 -3.05 -4.39
C VAL A 261 -28.77 -4.44 -4.82
N LEU A 262 -27.50 -4.53 -5.18
CA LEU A 262 -26.95 -5.81 -5.61
C LEU A 262 -26.85 -6.83 -4.47
N ALA A 263 -26.52 -6.35 -3.28
CA ALA A 263 -26.46 -7.23 -2.12
C ALA A 263 -27.84 -7.84 -1.87
N VAL A 264 -28.87 -7.01 -1.90
CA VAL A 264 -30.23 -7.49 -1.66
C VAL A 264 -30.73 -8.37 -2.80
N TYR A 265 -30.40 -7.98 -4.03
CA TYR A 265 -30.74 -8.79 -5.17
C TYR A 265 -30.17 -10.21 -5.02
N HIS A 266 -28.95 -10.30 -4.46
CA HIS A 266 -28.31 -11.59 -4.24
C HIS A 266 -28.72 -12.29 -2.94
N GLY A 267 -29.64 -11.70 -2.18
CA GLY A 267 -30.19 -12.38 -1.01
C GLY A 267 -29.83 -11.87 0.39
N ALA A 268 -29.12 -10.74 0.48
CA ALA A 268 -28.78 -10.19 1.78
C ALA A 268 -30.03 -9.90 2.60
N SER A 269 -29.95 -10.11 3.92
CA SER A 269 -31.10 -9.92 4.80
C SER A 269 -31.11 -8.58 5.52
N ILE A 270 -29.93 -8.01 5.73
CA ILE A 270 -29.83 -6.77 6.48
C ILE A 270 -28.80 -5.86 5.82
N ILE A 271 -29.17 -4.60 5.65
CA ILE A 271 -28.24 -3.62 5.08
C ILE A 271 -27.87 -2.58 6.13
N ARG A 272 -26.57 -2.39 6.34
CA ARG A 272 -26.06 -1.43 7.31
C ARG A 272 -25.65 -0.16 6.59
N THR A 273 -26.29 0.97 6.93
CA THR A 273 -26.18 2.16 6.07
C THR A 273 -26.22 3.48 6.82
N HIS A 274 -25.58 4.49 6.23
CA HIS A 274 -25.64 5.86 6.73
C HIS A 274 -26.83 6.58 6.11
N ASP A 275 -27.45 5.95 5.11
CA ASP A 275 -28.52 6.58 4.34
C ASP A 275 -29.77 5.69 4.28
N VAL A 276 -30.59 5.80 5.32
CA VAL A 276 -31.69 4.86 5.54
C VAL A 276 -32.78 4.93 4.48
N LYS A 277 -33.30 6.12 4.24
CA LYS A 277 -34.41 6.28 3.31
C LYS A 277 -34.02 5.85 1.90
N ALA A 278 -32.85 6.31 1.44
CA ALA A 278 -32.37 5.99 0.10
C ALA A 278 -32.14 4.48 -0.05
N THR A 279 -31.48 3.88 0.94
CA THR A 279 -31.28 2.43 0.96
C THR A 279 -32.60 1.69 0.97
N ARG A 280 -33.52 2.11 1.84
CA ARG A 280 -34.80 1.44 1.97
C ARG A 280 -35.58 1.44 0.65
N GLU A 281 -35.66 2.60 0.01
CA GLU A 281 -36.36 2.71 -1.27
C GLU A 281 -35.68 1.88 -2.36
N ALA A 282 -34.36 1.98 -2.46
CA ALA A 282 -33.66 1.25 -3.50
C ALA A 282 -33.80 -0.26 -3.39
N ILE A 283 -33.65 -0.80 -2.18
CA ILE A 283 -33.67 -2.25 -2.02
C ILE A 283 -35.07 -2.85 -2.20
N LYS A 284 -36.09 -2.03 -2.03
CA LYS A 284 -37.45 -2.48 -2.30
C LYS A 284 -37.56 -2.90 -3.77
N ILE A 285 -36.91 -2.15 -4.65
CA ILE A 285 -36.89 -2.51 -6.07
C ILE A 285 -36.07 -3.79 -6.29
N ALA A 286 -34.95 -3.92 -5.59
CA ALA A 286 -34.16 -5.14 -5.66
C ALA A 286 -34.98 -6.34 -5.19
N THR A 287 -35.71 -6.16 -4.09
CA THR A 287 -36.53 -7.24 -3.54
C THR A 287 -37.64 -7.68 -4.50
N TYR A 288 -38.27 -6.69 -5.15
CA TYR A 288 -39.33 -7.01 -6.09
C TYR A 288 -38.76 -7.76 -7.28
N THR A 289 -37.65 -7.27 -7.83
CA THR A 289 -37.01 -7.91 -8.97
C THR A 289 -36.59 -9.34 -8.64
N ARG A 290 -35.99 -9.51 -7.47
CA ARG A 290 -35.56 -10.83 -7.00
C ARG A 290 -36.75 -11.77 -6.87
N SER A 291 -37.88 -11.22 -6.44
CA SER A 291 -39.08 -12.01 -6.18
C SER A 291 -39.78 -12.54 -7.44
N VAL A 292 -39.68 -11.81 -8.55
CA VAL A 292 -40.32 -12.28 -9.78
C VAL A 292 -39.56 -13.46 -10.38
N ASP A 293 -38.41 -13.77 -9.79
CA ASP A 293 -37.61 -14.94 -10.17
C ASP A 293 -37.70 -15.28 -11.65
N SER B 12 6.90 -22.01 -5.95
CA SER B 12 7.63 -21.06 -6.79
C SER B 12 7.76 -19.70 -6.11
N PHE B 13 8.98 -19.29 -5.82
CA PHE B 13 9.24 -17.96 -5.27
C PHE B 13 10.58 -17.45 -5.78
N HIS B 14 10.88 -16.18 -5.53
CA HIS B 14 12.15 -15.63 -5.96
C HIS B 14 12.75 -14.65 -4.96
N LEU B 15 14.05 -14.44 -5.07
CA LEU B 15 14.75 -13.41 -4.31
C LEU B 15 15.63 -12.65 -5.28
N ARG B 16 16.08 -11.48 -4.86
CA ARG B 16 16.98 -10.69 -5.67
C ARG B 16 18.25 -10.41 -4.88
N LEU B 17 19.37 -10.92 -5.38
CA LEU B 17 20.65 -10.79 -4.70
C LEU B 17 21.19 -9.36 -4.84
N ARG B 18 22.25 -9.05 -4.09
CA ARG B 18 22.74 -7.67 -4.04
C ARG B 18 23.31 -7.17 -5.36
N ASP B 19 23.58 -8.09 -6.29
CA ASP B 19 24.03 -7.72 -7.63
C ASP B 19 22.84 -7.56 -8.57
N ASP B 20 21.64 -7.58 -7.99
CA ASP B 20 20.39 -7.44 -8.72
C ASP B 20 20.01 -8.68 -9.52
N LYS B 21 20.73 -9.78 -9.33
CA LYS B 21 20.39 -11.00 -10.05
C LYS B 21 19.18 -11.70 -9.43
N ARG B 22 18.21 -12.02 -10.27
CA ARG B 22 16.97 -12.66 -9.86
C ARG B 22 17.17 -14.16 -9.72
N ILE B 23 16.98 -14.68 -8.52
CA ILE B 23 17.07 -16.13 -8.27
C ILE B 23 15.67 -16.70 -8.10
N VAL B 24 15.30 -17.63 -8.97
CA VAL B 24 13.97 -18.23 -8.87
C VAL B 24 14.06 -19.66 -8.36
N PHE B 25 13.20 -19.98 -7.41
CA PHE B 25 13.11 -21.33 -6.88
C PHE B 25 11.82 -21.94 -7.39
N SER B 26 11.94 -23.07 -8.08
CA SER B 26 10.78 -23.74 -8.67
C SER B 26 9.98 -24.50 -7.61
N GLU B 27 10.58 -24.66 -6.43
CA GLU B 27 9.89 -25.28 -5.31
C GLU B 27 10.55 -24.83 -4.00
N PRO B 28 9.95 -25.17 -2.85
CA PRO B 28 10.51 -24.71 -1.60
C PRO B 28 12.00 -25.01 -1.46
N ALA B 29 12.75 -24.07 -0.90
CA ALA B 29 14.20 -24.20 -0.75
C ALA B 29 14.53 -24.84 0.60
N VAL B 30 15.54 -25.69 0.62
CA VAL B 30 16.00 -26.27 1.88
C VAL B 30 17.26 -25.55 2.33
N GLY B 32 20.20 -25.65 4.91
CA GLY B 32 20.92 -26.48 5.87
C GLY B 32 21.61 -25.62 6.91
N ILE B 33 21.63 -26.09 8.15
CA ILE B 33 22.16 -25.32 9.27
C ILE B 33 23.59 -25.75 9.61
N ILE B 34 24.50 -24.78 9.72
CA ILE B 34 25.84 -25.07 10.20
C ILE B 34 26.18 -24.13 11.37
N ASN B 35 26.02 -24.62 12.59
CA ASN B 35 26.30 -23.83 13.79
C ASN B 35 27.77 -23.94 14.19
N VAL B 36 28.44 -22.81 14.34
CA VAL B 36 29.88 -22.83 14.60
C VAL B 36 30.24 -22.23 15.96
N SER B 37 29.24 -22.01 16.80
CA SER B 37 29.48 -21.56 18.17
C SER B 37 29.44 -22.74 19.14
N PRO B 38 30.27 -22.71 20.18
CA PRO B 38 30.28 -23.83 21.13
C PRO B 38 28.95 -24.03 21.87
N ASN B 39 28.20 -22.95 22.05
CA ASN B 39 26.94 -23.08 22.80
C ASN B 39 25.72 -23.15 21.88
N SER B 40 25.95 -23.50 20.62
CA SER B 40 24.88 -23.52 19.63
C SER B 40 24.01 -24.77 19.75
N PHE B 41 22.89 -24.77 19.04
CA PHE B 41 21.90 -25.83 19.19
C PHE B 41 22.20 -27.09 18.36
N TYR B 42 21.91 -28.25 18.96
CA TYR B 42 21.97 -29.57 18.32
C TYR B 42 23.36 -30.10 18.00
N HIS B 43 24.06 -29.43 17.09
CA HIS B 43 25.37 -29.88 16.65
C HIS B 43 26.35 -28.72 16.52
N PRO B 44 27.02 -28.34 17.62
CA PRO B 44 28.02 -27.29 17.50
C PRO B 44 29.22 -27.79 16.71
N HIS B 45 29.70 -27.01 15.76
CA HIS B 45 30.91 -27.36 15.05
C HIS B 45 32.10 -26.66 15.69
N LEU B 46 32.97 -27.46 16.31
CA LEU B 46 34.04 -26.92 17.15
C LEU B 46 35.28 -26.51 16.37
N ASP B 47 35.34 -26.88 15.09
CA ASP B 47 36.46 -26.47 14.24
C ASP B 47 36.08 -26.34 12.76
N LEU B 48 36.97 -25.75 11.98
CA LEU B 48 36.70 -25.46 10.58
C LEU B 48 36.48 -26.73 9.77
N ASN B 49 37.30 -27.74 10.04
CA ASN B 49 37.18 -29.01 9.32
C ASN B 49 35.82 -29.66 9.49
N SER B 50 35.34 -29.72 10.74
CA SER B 50 34.04 -30.32 11.00
C SER B 50 32.94 -29.57 10.26
N ALA B 51 33.01 -28.23 10.29
CA ALA B 51 32.03 -27.41 9.60
C ALA B 51 31.99 -27.70 8.11
N LEU B 52 33.17 -27.88 7.51
CA LEU B 52 33.26 -28.17 6.09
C LEU B 52 32.79 -29.58 5.74
N ARG B 53 32.99 -30.53 6.65
CA ARG B 53 32.47 -31.87 6.43
C ARG B 53 30.95 -31.85 6.41
N THR B 54 30.37 -31.07 7.33
CA THR B 54 28.92 -30.93 7.36
C THR B 54 28.42 -30.25 6.09
N ALA B 55 29.08 -29.16 5.69
CA ALA B 55 28.73 -28.45 4.45
C ALA B 55 28.71 -29.41 3.25
N GLU B 56 29.79 -30.17 3.12
CA GLU B 56 29.93 -31.15 2.03
C GLU B 56 28.77 -32.15 2.01
N LYS B 57 28.42 -32.67 3.17
CA LYS B 57 27.31 -33.62 3.27
C LYS B 57 26.00 -32.98 2.83
N VAL B 59 25.51 -30.32 0.96
CA VAL B 59 25.55 -30.02 -0.46
C VAL B 59 25.21 -31.28 -1.26
N ASP B 60 25.81 -32.40 -0.87
CA ASP B 60 25.53 -33.67 -1.53
C ASP B 60 24.08 -34.10 -1.36
N GLU B 61 23.47 -33.68 -0.24
CA GLU B 61 22.10 -34.05 0.06
C GLU B 61 21.09 -33.11 -0.58
N GLY B 62 21.56 -32.08 -1.27
CA GLY B 62 20.69 -31.23 -2.06
C GLY B 62 20.28 -29.90 -1.45
N ALA B 63 21.05 -29.40 -0.48
CA ALA B 63 20.75 -28.12 0.14
C ALA B 63 20.80 -26.98 -0.88
N ASP B 64 19.84 -26.06 -0.81
CA ASP B 64 19.82 -24.89 -1.67
C ASP B 64 20.59 -23.72 -1.06
N ILE B 65 20.61 -23.68 0.27
CA ILE B 65 21.18 -22.57 1.02
C ILE B 65 21.90 -23.17 2.23
N LEU B 66 23.00 -22.56 2.65
CA LEU B 66 23.64 -22.95 3.91
C LEU B 66 23.63 -21.78 4.88
N ASP B 67 23.00 -21.97 6.04
CA ASP B 67 22.90 -20.93 7.06
C ASP B 67 24.01 -21.11 8.10
N ILE B 68 24.95 -20.18 8.12
CA ILE B 68 26.09 -20.24 9.04
C ILE B 68 25.90 -19.27 10.19
N GLY B 69 25.99 -19.79 11.42
CA GLY B 69 25.72 -18.98 12.60
C GLY B 69 26.68 -19.28 13.73
N GLY B 70 27.20 -18.23 14.37
CA GLY B 70 28.15 -18.41 15.46
C GLY B 70 28.04 -17.37 16.56
N GLU B 71 26.81 -17.06 16.97
CA GLU B 71 26.59 -16.08 18.01
C GLU B 71 26.85 -16.66 19.39
N PRO B 84 34.74 -7.29 21.25
CA PRO B 84 35.37 -8.53 21.70
C PRO B 84 34.58 -9.76 21.28
N SER B 85 33.28 -9.79 21.60
CA SER B 85 32.42 -10.90 21.23
C SER B 85 32.09 -10.85 19.74
N THR B 86 32.02 -9.64 19.19
CA THR B 86 31.83 -9.47 17.75
C THR B 86 33.00 -10.11 17.01
N GLN B 87 34.21 -9.82 17.49
CA GLN B 87 35.42 -10.33 16.86
C GLN B 87 35.48 -11.85 16.93
N ILE B 88 35.02 -12.40 18.05
CA ILE B 88 34.98 -13.85 18.26
C ILE B 88 34.01 -14.50 17.27
N GLU B 89 32.89 -13.83 17.04
CA GLU B 89 31.89 -14.31 16.09
C GLU B 89 32.47 -14.35 14.67
N LEU B 90 33.20 -13.29 14.31
CA LEU B 90 33.83 -13.20 12.99
C LEU B 90 34.89 -14.27 12.76
N ASP B 91 35.72 -14.53 13.77
CA ASP B 91 36.81 -15.48 13.61
C ASP B 91 36.29 -16.89 13.41
N ARG B 92 35.08 -17.16 13.90
CA ARG B 92 34.45 -18.46 13.70
C ARG B 92 33.76 -18.53 12.34
N LEU B 93 33.07 -17.45 11.98
CA LEU B 93 32.22 -17.42 10.79
C LEU B 93 32.98 -17.32 9.47
N LEU B 94 33.86 -16.32 9.37
CA LEU B 94 34.45 -15.97 8.07
C LEU B 94 35.20 -17.11 7.40
N PRO B 95 36.07 -17.81 8.15
CA PRO B 95 36.79 -18.95 7.56
C PRO B 95 35.84 -19.97 6.95
N VAL B 96 34.67 -20.16 7.56
CA VAL B 96 33.70 -21.12 7.06
C VAL B 96 33.00 -20.58 5.81
N ILE B 97 32.56 -19.33 5.88
CA ILE B 97 31.92 -18.70 4.73
C ILE B 97 32.89 -18.64 3.55
N ASP B 98 34.14 -18.26 3.84
CA ASP B 98 35.16 -18.19 2.80
C ASP B 98 35.36 -19.54 2.11
N ALA B 99 35.54 -20.59 2.91
CA ALA B 99 35.74 -21.93 2.37
C ALA B 99 34.53 -22.37 1.54
N ILE B 100 33.34 -22.17 2.07
CA ILE B 100 32.13 -22.56 1.38
C ILE B 100 31.99 -21.78 0.06
N LYS B 101 32.22 -20.48 0.12
CA LYS B 101 32.10 -19.64 -1.07
C LYS B 101 33.02 -20.10 -2.20
N LYS B 102 34.19 -20.61 -1.83
CA LYS B 102 35.19 -21.05 -2.81
C LYS B 102 34.87 -22.44 -3.40
N ARG B 103 34.19 -23.28 -2.63
CA ARG B 103 33.99 -24.68 -3.03
C ARG B 103 32.61 -24.99 -3.61
N PHE B 104 31.58 -24.33 -3.08
CA PHE B 104 30.21 -24.70 -3.42
C PHE B 104 29.42 -23.56 -4.03
N PRO B 105 28.42 -23.90 -4.86
CA PRO B 105 27.56 -22.93 -5.53
C PRO B 105 26.31 -22.55 -4.74
N GLN B 106 26.01 -23.28 -3.66
CA GLN B 106 24.82 -22.97 -2.88
C GLN B 106 24.87 -21.55 -2.36
N LEU B 107 23.69 -20.98 -2.13
CA LEU B 107 23.58 -19.68 -1.48
C LEU B 107 24.01 -19.79 -0.02
N ILE B 108 24.66 -18.75 0.47
CA ILE B 108 25.10 -18.70 1.86
C ILE B 108 24.28 -17.68 2.64
N SER B 109 23.79 -18.09 3.79
CA SER B 109 23.08 -17.19 4.70
C SER B 109 23.91 -17.05 5.97
N VAL B 110 23.95 -15.85 6.53
CA VAL B 110 24.62 -15.65 7.82
C VAL B 110 23.58 -15.32 8.88
N ASP B 111 23.57 -16.14 9.94
CA ASP B 111 22.63 -15.99 11.05
C ASP B 111 23.29 -15.10 12.11
N THR B 112 22.88 -13.84 12.16
CA THR B 112 23.47 -12.87 13.08
C THR B 112 22.57 -11.67 13.30
N SER B 113 22.79 -10.95 14.40
CA SER B 113 22.09 -9.71 14.66
C SER B 113 23.03 -8.51 14.64
N ARG B 114 24.31 -8.75 14.46
CA ARG B 114 25.31 -7.68 14.55
C ARG B 114 25.66 -7.09 13.20
N PRO B 115 25.43 -5.78 13.04
CA PRO B 115 25.67 -5.08 11.76
C PRO B 115 27.06 -5.33 11.19
N ARG B 116 28.09 -5.28 12.03
CA ARG B 116 29.46 -5.49 11.58
C ARG B 116 29.68 -6.90 11.04
N VAL B 117 29.08 -7.90 11.68
CA VAL B 117 29.17 -9.28 11.22
C VAL B 117 28.47 -9.41 9.87
N ARG B 119 28.12 -7.08 7.58
CA ARG B 119 28.96 -6.48 6.54
C ARG B 119 30.12 -7.38 6.16
N GLU B 120 30.83 -7.87 7.17
CA GLU B 120 32.02 -8.68 6.93
C GLU B 120 31.66 -10.03 6.31
N ALA B 121 30.55 -10.62 6.73
CA ALA B 121 30.08 -11.88 6.18
C ALA B 121 29.70 -11.71 4.71
N VAL B 122 28.97 -10.66 4.40
CA VAL B 122 28.58 -10.43 3.01
C VAL B 122 29.81 -10.15 2.15
N ASN B 123 30.73 -9.33 2.68
CA ASN B 123 31.98 -9.05 1.96
C ASN B 123 32.75 -10.32 1.69
N THR B 124 32.52 -11.34 2.52
CA THR B 124 33.25 -12.59 2.44
C THR B 124 32.54 -13.59 1.53
N GLY B 125 31.26 -13.36 1.26
CA GLY B 125 30.54 -14.22 0.35
C GLY B 125 29.11 -14.59 0.72
N ALA B 126 28.67 -14.20 1.91
CA ALA B 126 27.28 -14.45 2.27
C ALA B 126 26.35 -13.73 1.30
N ASP B 127 25.29 -14.42 0.87
CA ASP B 127 24.33 -13.89 -0.09
C ASP B 127 23.12 -13.26 0.59
N ILE B 129 21.12 -12.46 4.79
CA ILE B 129 21.23 -12.32 6.24
C ILE B 129 19.99 -12.87 6.93
N ASN B 130 20.20 -13.68 7.96
CA ASN B 130 19.12 -14.25 8.75
C ASN B 130 19.17 -13.68 10.14
N ASP B 131 18.22 -12.82 10.48
CA ASP B 131 18.23 -12.16 11.78
C ASP B 131 17.08 -12.58 12.68
N GLN B 132 17.41 -13.29 13.74
CA GLN B 132 16.43 -13.76 14.72
C GLN B 132 15.80 -12.57 15.43
N ARG B 133 16.45 -11.41 15.32
CA ARG B 133 15.98 -10.21 16.02
C ARG B 133 15.39 -9.21 15.04
N ALA B 134 15.24 -9.63 13.79
CA ALA B 134 14.55 -8.84 12.77
C ALA B 134 15.10 -7.42 12.64
N LEU B 135 16.43 -7.31 12.64
CA LEU B 135 17.11 -6.03 12.45
C LEU B 135 16.75 -4.99 13.52
N GLN B 136 16.61 -5.45 14.77
CA GLN B 136 16.28 -4.57 15.88
C GLN B 136 17.52 -3.87 16.42
N LEU B 137 18.67 -4.50 16.27
CA LEU B 137 19.91 -3.94 16.79
C LEU B 137 20.30 -2.70 16.01
N ASP B 138 20.53 -1.60 16.73
CA ASP B 138 20.87 -0.33 16.11
C ASP B 138 21.86 -0.48 14.96
N ASP B 139 21.55 0.15 13.83
CA ASP B 139 22.39 0.12 12.63
C ASP B 139 22.10 -1.08 11.72
N ALA B 140 21.31 -2.04 12.20
CA ALA B 140 21.01 -3.23 11.40
C ALA B 140 20.22 -2.85 10.14
N LEU B 141 19.17 -2.06 10.31
CA LEU B 141 18.33 -1.63 9.21
C LEU B 141 19.12 -0.92 8.11
N THR B 142 19.90 0.08 8.49
CA THR B 142 20.66 0.84 7.52
C THR B 142 21.72 -0.04 6.86
N THR B 143 22.25 -1.00 7.60
CA THR B 143 23.28 -1.89 7.08
C THR B 143 22.74 -2.82 6.01
N VAL B 144 21.59 -3.44 6.29
CA VAL B 144 20.97 -4.35 5.34
C VAL B 144 20.49 -3.62 4.09
N SER B 145 19.99 -2.41 4.28
CA SER B 145 19.53 -1.62 3.14
C SER B 145 20.69 -1.30 2.21
N ALA B 146 21.85 -0.98 2.79
CA ALA B 146 23.01 -0.62 1.98
C ALA B 146 23.63 -1.85 1.31
N LEU B 147 23.55 -3.00 1.99
CA LEU B 147 24.13 -4.24 1.47
C LEU B 147 23.32 -4.81 0.32
N LYS B 148 22.02 -4.47 0.28
CA LYS B 148 21.12 -4.92 -0.78
C LYS B 148 20.92 -6.43 -0.83
N THR B 149 21.18 -7.12 0.27
CA THR B 149 20.95 -8.57 0.35
C THR B 149 19.55 -8.86 0.85
N PRO B 150 19.00 -10.03 0.47
CA PRO B 150 17.78 -10.50 1.10
C PRO B 150 18.01 -10.63 2.61
N VAL B 151 16.93 -10.52 3.37
CA VAL B 151 17.01 -10.66 4.82
C VAL B 151 15.80 -11.42 5.34
N CYS B 152 16.02 -12.37 6.24
CA CYS B 152 14.93 -13.05 6.92
C CYS B 152 14.67 -12.34 8.23
N LEU B 153 13.43 -11.92 8.44
CA LEU B 153 12.97 -11.30 9.68
C LEU B 153 12.21 -12.32 10.50
N HIS B 155 10.18 -13.46 13.99
CA HIS B 155 9.52 -12.86 15.12
C HIS B 155 10.18 -13.32 16.40
N PHE B 156 10.39 -12.39 17.31
CA PHE B 156 11.01 -12.70 18.59
C PHE B 156 10.17 -12.00 19.65
N PRO B 157 9.38 -12.78 20.41
CA PRO B 157 8.48 -12.19 21.41
C PRO B 157 9.26 -11.44 22.48
N SER B 158 8.63 -10.48 23.14
CA SER B 158 9.28 -9.74 24.22
C SER B 158 9.76 -10.75 25.25
N GLU B 159 10.96 -10.53 25.80
CA GLU B 159 11.52 -11.49 26.76
C GLU B 159 10.78 -11.46 28.09
N THR B 160 9.89 -10.49 28.25
CA THR B 160 9.05 -10.42 29.44
C THR B 160 7.82 -11.29 29.27
N ARG B 161 7.63 -11.83 28.08
CA ARG B 161 6.45 -12.64 27.78
C ARG B 161 6.40 -13.94 28.58
N LYS B 162 5.20 -14.29 29.02
CA LYS B 162 4.98 -15.54 29.70
C LYS B 162 4.06 -16.41 28.84
N PRO B 163 4.62 -17.47 28.24
CA PRO B 163 3.82 -18.37 27.40
C PRO B 163 2.56 -18.83 28.12
N GLY B 164 1.45 -18.90 27.39
CA GLY B 164 0.19 -19.33 27.96
C GLY B 164 -0.60 -18.26 28.69
N SER B 165 -0.03 -17.07 28.84
CA SER B 165 -0.73 -16.01 29.59
C SER B 165 -1.78 -15.26 28.77
N THR B 166 -1.81 -15.51 27.46
CA THR B 166 -2.88 -15.01 26.61
C THR B 166 -3.39 -16.19 25.76
N THR B 167 -4.63 -16.09 25.27
CA THR B 167 -5.18 -17.12 24.40
C THR B 167 -4.37 -17.22 23.12
N HIS B 168 -4.46 -18.35 22.45
CA HIS B 168 -3.76 -18.57 21.18
C HIS B 168 -4.11 -17.51 20.13
N PHE B 169 -5.40 -17.27 19.91
CA PHE B 169 -5.83 -16.30 18.90
C PHE B 169 -5.23 -14.92 19.16
N TYR B 170 -5.33 -14.47 20.40
CA TYR B 170 -4.79 -13.18 20.81
C TYR B 170 -3.29 -13.12 20.54
N PHE B 171 -2.56 -14.17 20.92
CA PHE B 171 -1.13 -14.19 20.73
C PHE B 171 -0.77 -14.09 19.26
N LEU B 172 -1.47 -14.87 18.44
CA LEU B 172 -1.24 -14.86 16.99
C LEU B 172 -1.40 -13.46 16.38
N GLN B 173 -2.44 -12.73 16.77
CA GLN B 173 -2.63 -11.36 16.24
C GLN B 173 -1.42 -10.50 16.56
N SER B 174 -0.89 -10.63 17.77
CA SER B 174 0.25 -9.82 18.18
C SER B 174 1.52 -10.22 17.42
N VAL B 175 1.68 -11.50 17.14
CA VAL B 175 2.82 -11.95 16.34
C VAL B 175 2.75 -11.38 14.91
N LYS B 176 1.58 -11.49 14.29
CA LYS B 176 1.42 -10.94 12.93
C LYS B 176 1.60 -9.42 12.90
N LYS B 177 1.03 -8.73 13.88
CA LYS B 177 1.17 -7.28 13.95
C LYS B 177 2.63 -6.86 14.07
N GLU B 178 3.39 -7.55 14.92
CA GLU B 178 4.80 -7.22 15.14
C GLU B 178 5.66 -7.53 13.91
N LEU B 179 5.39 -8.66 13.26
CA LEU B 179 6.04 -8.96 12.00
C LEU B 179 5.73 -7.90 10.93
N GLN B 180 4.48 -7.47 10.85
CA GLN B 180 4.12 -6.42 9.88
C GLN B 180 4.90 -5.13 10.14
N GLU B 181 5.05 -4.79 11.41
CA GLU B 181 5.83 -3.61 11.81
C GLU B 181 7.30 -3.73 11.42
N SER B 182 7.87 -4.92 11.57
CA SER B 182 9.24 -5.17 11.11
C SER B 182 9.34 -5.02 9.60
N ILE B 183 8.37 -5.55 8.88
CA ILE B 183 8.34 -5.41 7.42
C ILE B 183 8.27 -3.94 7.04
N GLN B 184 7.43 -3.16 7.72
CA GLN B 184 7.29 -1.75 7.41
C GLN B 184 8.57 -0.95 7.68
N ARG B 185 9.27 -1.29 8.75
CA ARG B 185 10.57 -0.69 9.06
C ARG B 185 11.58 -0.94 7.95
N CYS B 186 11.60 -2.17 7.44
CA CYS B 186 12.50 -2.53 6.36
C CYS B 186 12.22 -1.71 5.10
N LYS B 187 10.93 -1.63 4.73
CA LYS B 187 10.56 -0.90 3.53
C LYS B 187 10.90 0.58 3.65
N LYS B 188 10.61 1.15 4.82
CA LYS B 188 10.90 2.55 5.08
C LYS B 188 12.40 2.82 5.00
N ALA B 189 13.20 1.85 5.43
CA ALA B 189 14.65 2.00 5.41
C ALA B 189 15.22 1.76 4.01
N GLY B 190 14.35 1.41 3.07
CA GLY B 190 14.75 1.27 1.69
C GLY B 190 15.08 -0.14 1.26
N ILE B 191 14.73 -1.13 2.09
CA ILE B 191 14.93 -2.52 1.74
C ILE B 191 13.82 -2.96 0.78
N SER B 192 14.23 -3.54 -0.35
CA SER B 192 13.30 -3.89 -1.42
C SER B 192 12.39 -5.04 -1.04
N GLU B 193 11.12 -4.95 -1.44
CA GLU B 193 10.13 -5.96 -1.08
C GLU B 193 10.54 -7.37 -1.51
N ASP B 194 11.23 -7.48 -2.63
CA ASP B 194 11.68 -8.80 -3.11
C ASP B 194 12.96 -9.28 -2.42
N ARG B 195 13.30 -8.65 -1.30
CA ARG B 195 14.45 -9.09 -0.51
C ARG B 195 14.07 -9.36 0.94
N ILE B 196 12.78 -9.54 1.21
CA ILE B 196 12.32 -9.77 2.57
C ILE B 196 11.69 -11.16 2.72
N ILE B 197 12.16 -11.88 3.73
CA ILE B 197 11.63 -13.19 4.11
C ILE B 197 11.16 -13.05 5.55
N ILE B 198 10.06 -13.71 5.90
CA ILE B 198 9.60 -13.67 7.29
C ILE B 198 9.47 -15.06 7.89
N ASP B 199 9.49 -15.11 9.22
CA ASP B 199 9.59 -16.35 9.96
C ASP B 199 8.88 -16.16 11.30
N PRO B 200 7.95 -17.06 11.65
CA PRO B 200 7.19 -16.95 12.90
C PRO B 200 8.05 -17.23 14.14
N GLY B 201 9.25 -17.77 13.95
CA GLY B 201 10.16 -17.97 15.06
C GLY B 201 9.79 -19.15 15.96
N PHE B 202 9.69 -20.32 15.37
CA PHE B 202 9.31 -21.52 16.12
C PHE B 202 10.40 -21.90 17.13
N GLY B 203 9.96 -22.23 18.35
CA GLY B 203 10.87 -22.62 19.40
C GLY B 203 10.30 -22.27 20.75
N GLN B 204 10.86 -22.86 21.80
CA GLN B 204 10.47 -22.48 23.15
C GLN B 204 11.64 -21.73 23.81
N GLY B 205 11.76 -21.80 25.12
CA GLY B 205 12.87 -21.16 25.80
C GLY B 205 12.86 -19.67 25.57
N ASN B 206 13.97 -19.11 25.12
CA ASN B 206 14.03 -17.67 24.90
C ASN B 206 13.17 -17.21 23.71
N TYR B 207 12.65 -18.16 22.93
CA TYR B 207 11.71 -17.79 21.86
C TYR B 207 10.31 -17.49 22.41
N GLY B 208 10.16 -17.57 23.72
CA GLY B 208 8.97 -17.10 24.43
C GLY B 208 7.63 -17.71 24.05
N LYS B 209 7.62 -19.00 23.74
CA LYS B 209 6.40 -19.72 23.42
C LYS B 209 6.40 -21.09 24.07
N ASN B 210 5.23 -21.67 24.26
CA ASN B 210 5.11 -23.04 24.76
C ASN B 210 4.77 -23.97 23.60
N VAL B 211 4.52 -25.24 23.88
CA VAL B 211 4.28 -26.21 22.81
C VAL B 211 3.04 -25.89 21.98
N SER B 212 1.91 -25.64 22.63
CA SER B 212 0.66 -25.45 21.91
C SER B 212 0.66 -24.17 21.08
N GLU B 213 1.37 -23.14 21.55
CA GLU B 213 1.46 -21.89 20.80
C GLU B 213 2.23 -22.10 19.50
N ASN B 214 3.30 -22.89 19.58
CA ASN B 214 4.06 -23.26 18.39
C ASN B 214 3.22 -24.04 17.38
N PHE B 215 2.47 -25.02 17.85
CA PHE B 215 1.58 -25.77 16.97
C PHE B 215 0.44 -24.93 16.40
N TYR B 216 -0.02 -23.96 17.18
CA TYR B 216 -1.06 -23.06 16.69
C TYR B 216 -0.55 -22.21 15.54
N LEU B 217 0.66 -21.66 15.69
CA LEU B 217 1.25 -20.85 14.63
C LEU B 217 1.48 -21.68 13.37
N LEU B 218 1.88 -22.94 13.56
CA LEU B 218 2.07 -23.86 12.44
C LEU B 218 0.75 -24.13 11.74
N ASN B 219 -0.28 -24.45 12.51
CA ASN B 219 -1.60 -24.70 11.94
C ASN B 219 -2.13 -23.46 11.22
N LYS B 220 -1.73 -22.29 11.70
CA LYS B 220 -2.20 -21.03 11.12
C LYS B 220 -1.17 -20.41 10.17
N LEU B 221 -0.21 -21.21 9.71
CA LEU B 221 0.86 -20.68 8.87
C LEU B 221 0.35 -19.97 7.60
N PRO B 222 -0.80 -20.41 7.05
CA PRO B 222 -1.26 -19.70 5.85
C PRO B 222 -1.55 -18.23 6.14
N GLU B 223 -1.78 -17.89 7.39
CA GLU B 223 -2.00 -16.48 7.75
C GLU B 223 -0.73 -15.67 7.62
N PHE B 224 0.42 -16.32 7.80
CA PHE B 224 1.71 -15.65 7.55
C PHE B 224 1.99 -15.57 6.06
N VAL B 225 1.70 -16.65 5.34
CA VAL B 225 1.85 -16.64 3.88
C VAL B 225 0.99 -15.52 3.26
N ALA B 226 -0.15 -15.22 3.87
CA ALA B 226 -1.08 -14.21 3.37
C ALA B 226 -0.50 -12.78 3.44
N GLY B 228 2.18 -11.95 2.08
CA GLY B 228 2.66 -11.71 0.72
C GLY B 228 4.16 -11.83 0.49
N LEU B 229 4.88 -12.38 1.46
CA LEU B 229 6.32 -12.57 1.34
C LEU B 229 6.68 -14.03 1.57
N PRO B 230 7.84 -14.46 1.08
CA PRO B 230 8.24 -15.83 1.35
C PRO B 230 8.36 -16.10 2.85
N VAL B 231 7.83 -17.22 3.30
CA VAL B 231 7.86 -17.60 4.72
C VAL B 231 8.87 -18.72 4.94
N LEU B 232 9.70 -18.53 5.96
CA LEU B 232 10.67 -19.52 6.39
C LEU B 232 10.21 -20.16 7.69
N SER B 233 10.46 -21.45 7.83
CA SER B 233 10.07 -22.21 9.02
C SER B 233 11.21 -23.12 9.47
N GLY B 234 11.45 -23.16 10.78
CA GLY B 234 12.50 -24.02 11.32
C GLY B 234 12.03 -24.73 12.58
N TRP B 235 11.65 -26.00 12.44
CA TRP B 235 11.27 -26.86 13.56
C TRP B 235 12.36 -27.88 13.91
N SER B 236 13.34 -27.99 13.02
CA SER B 236 14.31 -29.09 13.04
C SER B 236 14.92 -29.41 14.41
N ARG B 237 14.61 -30.61 14.90
CA ARG B 237 15.18 -31.14 16.15
C ARG B 237 14.76 -30.38 17.42
N LYS B 238 13.81 -29.46 17.30
CA LYS B 238 13.51 -28.56 18.43
C LYS B 238 12.71 -29.19 19.56
N SER B 239 12.68 -28.47 20.69
CA SER B 239 12.09 -28.98 21.93
C SER B 239 10.60 -29.33 21.87
N ILE B 241 9.08 -30.83 19.55
CA ILE B 241 9.04 -32.21 19.11
C ILE B 241 9.48 -33.14 20.24
N GLY B 242 10.54 -32.75 20.93
CA GLY B 242 11.03 -33.53 22.06
C GLY B 242 9.97 -33.70 23.13
N ASP B 243 9.20 -32.62 23.36
CA ASP B 243 8.19 -32.65 24.42
C ASP B 243 6.97 -33.49 24.03
N VAL B 244 6.55 -33.38 22.77
CA VAL B 244 5.41 -34.18 22.32
C VAL B 244 5.73 -35.67 22.23
N LEU B 245 6.94 -36.01 21.80
CA LEU B 245 7.31 -37.40 21.58
C LEU B 245 8.09 -38.00 22.75
N ASN B 246 8.42 -37.15 23.73
CA ASN B 246 9.29 -37.55 24.82
C ASN B 246 10.60 -38.16 24.31
N GLN B 247 11.32 -37.39 23.50
CA GLN B 247 12.55 -37.86 22.86
C GLN B 247 13.65 -36.82 23.00
N PRO B 248 14.90 -37.28 23.12
CA PRO B 248 16.09 -36.43 23.06
C PRO B 248 16.34 -36.00 21.61
N PRO B 249 17.21 -35.00 21.39
CA PRO B 249 17.39 -34.41 20.05
C PRO B 249 17.68 -35.44 18.96
N GLU B 250 18.46 -36.47 19.29
CA GLU B 250 18.84 -37.49 18.33
C GLU B 250 17.65 -38.24 17.78
N ASN B 251 16.55 -38.27 18.52
CA ASN B 251 15.41 -39.07 18.12
C ASN B 251 14.23 -38.24 17.63
N ARG B 252 14.50 -37.02 17.19
CA ARG B 252 13.41 -36.12 16.80
C ARG B 252 13.24 -35.99 15.29
N LEU B 253 13.89 -36.86 14.52
CA LEU B 253 13.84 -36.69 13.06
C LEU B 253 12.43 -36.83 12.49
N PHE B 254 11.73 -37.90 12.82
CA PHE B 254 10.43 -38.16 12.20
C PHE B 254 9.40 -37.09 12.55
N GLY B 255 9.43 -36.59 13.79
CA GLY B 255 8.55 -35.51 14.18
C GLY B 255 8.90 -34.20 13.50
N SER B 256 10.19 -33.94 13.35
CA SER B 256 10.64 -32.72 12.70
C SER B 256 10.19 -32.64 11.24
N ILE B 257 10.36 -33.73 10.51
CA ILE B 257 9.97 -33.67 9.11
C ILE B 257 8.45 -33.57 8.96
N ALA B 258 7.71 -34.09 9.93
CA ALA B 258 6.25 -33.97 9.93
C ALA B 258 5.89 -32.49 10.01
N ALA B 259 6.61 -31.75 10.83
CA ALA B 259 6.36 -30.31 10.95
C ALA B 259 6.77 -29.59 9.66
N ASP B 260 7.89 -30.00 9.05
CA ASP B 260 8.30 -29.46 7.74
C ASP B 260 7.26 -29.70 6.66
N VAL B 261 6.71 -30.91 6.64
CA VAL B 261 5.68 -31.27 5.66
C VAL B 261 4.48 -30.34 5.81
N LEU B 262 4.03 -30.15 7.04
CA LEU B 262 2.86 -29.30 7.28
C LEU B 262 3.14 -27.85 6.93
N ALA B 263 4.32 -27.36 7.28
CA ALA B 263 4.69 -26.00 6.94
C ALA B 263 4.69 -25.77 5.42
N VAL B 264 5.35 -26.66 4.68
CA VAL B 264 5.34 -26.54 3.22
C VAL B 264 3.92 -26.70 2.66
N TYR B 265 3.17 -27.66 3.18
CA TYR B 265 1.81 -27.84 2.71
C TYR B 265 1.00 -26.55 2.88
N HIS B 266 1.28 -25.82 3.96
CA HIS B 266 0.60 -24.55 4.26
C HIS B 266 1.21 -23.36 3.53
N GLY B 267 2.24 -23.58 2.73
CA GLY B 267 2.75 -22.52 1.85
C GLY B 267 4.11 -21.96 2.16
N ALA B 268 4.83 -22.57 3.11
CA ALA B 268 6.20 -22.11 3.40
C ALA B 268 7.13 -22.22 2.20
N SER B 269 8.02 -21.25 2.05
CA SER B 269 8.97 -21.17 0.93
C SER B 269 10.35 -21.74 1.27
N ILE B 270 10.72 -21.67 2.54
CA ILE B 270 12.05 -22.08 2.94
C ILE B 270 11.96 -22.87 4.24
N ILE B 271 12.65 -24.01 4.28
CA ILE B 271 12.71 -24.82 5.49
C ILE B 271 14.14 -24.88 6.02
N ARG B 272 14.32 -24.48 7.27
CA ARG B 272 15.63 -24.46 7.90
C ARG B 272 15.82 -25.75 8.71
N THR B 273 16.83 -26.54 8.36
CA THR B 273 16.92 -27.90 8.88
C THR B 273 18.34 -28.40 9.13
N HIS B 274 18.47 -29.30 10.11
CA HIS B 274 19.72 -30.00 10.35
C HIS B 274 19.78 -31.27 9.51
N ASP B 275 18.66 -31.60 8.87
CA ASP B 275 18.54 -32.86 8.13
C ASP B 275 18.09 -32.61 6.70
N VAL B 276 19.05 -32.29 5.85
CA VAL B 276 18.77 -31.83 4.50
C VAL B 276 18.07 -32.87 3.62
N LYS B 277 18.65 -34.05 3.50
CA LYS B 277 18.07 -35.09 2.66
C LYS B 277 16.64 -35.46 3.06
N ALA B 278 16.44 -35.71 4.36
CA ALA B 278 15.13 -36.14 4.86
C ALA B 278 14.06 -35.05 4.67
N THR B 279 14.43 -33.82 4.96
CA THR B 279 13.54 -32.68 4.79
C THR B 279 13.19 -32.51 3.32
N ARG B 280 14.21 -32.54 2.47
CA ARG B 280 14.00 -32.34 1.03
C ARG B 280 13.02 -33.35 0.44
N GLU B 281 13.22 -34.61 0.79
CA GLU B 281 12.35 -35.67 0.30
C GLU B 281 10.93 -35.59 0.85
N ALA B 282 10.81 -35.32 2.15
CA ALA B 282 9.50 -35.16 2.76
C ALA B 282 8.71 -33.99 2.15
N ILE B 283 9.34 -32.83 2.02
CA ILE B 283 8.61 -31.67 1.52
C ILE B 283 8.31 -31.74 0.03
N LYS B 284 9.05 -32.59 -0.68
CA LYS B 284 8.72 -32.80 -2.09
C LYS B 284 7.31 -33.39 -2.21
N ILE B 285 6.96 -34.28 -1.29
CA ILE B 285 5.62 -34.85 -1.25
C ILE B 285 4.59 -33.79 -0.86
N ALA B 286 4.94 -32.95 0.11
CA ALA B 286 4.05 -31.86 0.52
C ALA B 286 3.79 -30.88 -0.63
N THR B 287 4.84 -30.50 -1.35
CA THR B 287 4.71 -29.58 -2.47
C THR B 287 3.80 -30.16 -3.56
N TYR B 288 3.98 -31.44 -3.88
CA TYR B 288 3.13 -32.09 -4.86
C TYR B 288 1.67 -32.08 -4.41
N THR B 289 1.43 -32.39 -3.14
CA THR B 289 0.07 -32.50 -2.63
C THR B 289 -0.61 -31.13 -2.65
N ARG B 290 0.11 -30.11 -2.23
CA ARG B 290 -0.40 -28.74 -2.25
C ARG B 290 -0.72 -28.29 -3.68
N SER B 291 0.15 -28.65 -4.62
CA SER B 291 0.08 -28.12 -5.99
C SER B 291 -1.12 -28.60 -6.81
N VAL B 292 -1.67 -29.76 -6.45
CA VAL B 292 -2.74 -30.34 -7.27
C VAL B 292 -4.12 -29.77 -6.97
N ASP B 293 -4.14 -28.54 -6.45
CA ASP B 293 -5.37 -27.76 -6.27
C ASP B 293 -6.63 -28.63 -6.20
N GLN C 11 -7.38 43.33 7.50
CA GLN C 11 -7.22 42.57 8.73
C GLN C 11 -6.07 43.11 9.56
N SER C 12 -6.41 43.76 10.66
CA SER C 12 -5.42 44.25 11.61
C SER C 12 -5.56 43.41 12.86
N PHE C 13 -4.50 43.29 13.65
CA PHE C 13 -4.59 42.56 14.91
C PHE C 13 -3.49 43.01 15.84
N HIS C 14 -3.59 42.61 17.10
CA HIS C 14 -2.58 42.99 18.08
C HIS C 14 -2.27 41.80 18.96
N LEU C 15 -1.12 41.88 19.62
CA LEU C 15 -0.75 40.90 20.62
C LEU C 15 -0.19 41.65 21.81
N ARG C 16 -0.24 41.03 22.98
CA ARG C 16 0.36 41.61 24.16
C ARG C 16 1.59 40.79 24.51
N LEU C 17 2.76 41.41 24.47
CA LEU C 17 3.99 40.70 24.76
C LEU C 17 4.10 40.49 26.28
N ARG C 18 5.11 39.73 26.68
CA ARG C 18 5.28 39.33 28.06
C ARG C 18 5.50 40.49 29.04
N ASP C 19 5.86 41.66 28.53
CA ASP C 19 6.03 42.83 29.38
C ASP C 19 4.78 43.71 29.36
N ASP C 20 3.68 43.11 28.89
CA ASP C 20 2.38 43.77 28.78
C ASP C 20 2.35 44.85 27.70
N LYS C 21 3.40 44.91 26.89
CA LYS C 21 3.47 45.84 25.78
C LYS C 21 2.64 45.33 24.61
N ARG C 22 1.77 46.20 24.12
CA ARG C 22 0.89 45.84 23.03
C ARG C 22 1.57 46.12 21.70
N ILE C 23 1.62 45.11 20.84
CA ILE C 23 2.12 45.31 19.49
C ILE C 23 0.96 45.21 18.50
N VAL C 24 0.85 46.20 17.63
CA VAL C 24 -0.24 46.26 16.69
C VAL C 24 0.28 45.95 15.29
N PHE C 25 -0.39 45.04 14.60
CA PHE C 25 -0.08 44.79 13.20
C PHE C 25 -1.19 45.42 12.37
N SER C 26 -0.83 46.39 11.54
CA SER C 26 -1.80 47.11 10.72
C SER C 26 -2.28 46.30 9.52
N GLU C 27 -1.54 45.24 9.19
CA GLU C 27 -1.93 44.32 8.14
C GLU C 27 -1.33 42.95 8.45
N PRO C 28 -1.74 41.91 7.70
CA PRO C 28 -1.24 40.56 7.99
C PRO C 28 0.29 40.52 8.11
N ALA C 29 0.76 39.74 9.09
CA ALA C 29 2.20 39.64 9.36
C ALA C 29 2.84 38.50 8.60
N VAL C 30 4.10 38.67 8.24
CA VAL C 30 4.84 37.60 7.59
C VAL C 30 5.86 37.01 8.55
N GLY C 32 8.87 34.52 8.87
CA GLY C 32 9.87 33.79 8.12
C GLY C 32 10.35 32.57 8.89
N ILE C 33 10.65 31.50 8.18
CA ILE C 33 11.05 30.24 8.81
C ILE C 33 12.56 30.06 8.80
N ILE C 34 13.09 29.70 9.96
CA ILE C 34 14.50 29.32 10.06
C ILE C 34 14.56 28.00 10.82
N ASN C 35 14.71 26.92 10.08
CA ASN C 35 14.83 25.62 10.71
C ASN C 35 16.30 25.27 10.95
N VAL C 36 16.62 24.92 12.18
CA VAL C 36 17.99 24.56 12.51
C VAL C 36 18.14 23.05 12.72
N SER C 37 17.15 22.30 12.26
CA SER C 37 17.20 20.85 12.31
C SER C 37 17.66 20.29 10.95
N PRO C 38 18.77 19.54 10.96
CA PRO C 38 19.33 18.95 9.74
C PRO C 38 18.35 18.04 9.00
N ASN C 39 17.25 17.69 9.65
CA ASN C 39 16.30 16.74 9.07
C ASN C 39 15.06 17.39 8.44
N SER C 40 15.05 18.71 8.36
CA SER C 40 13.91 19.42 7.78
C SER C 40 13.83 19.21 6.27
N PHE C 41 12.61 19.16 5.75
CA PHE C 41 12.40 18.86 4.34
C PHE C 41 12.88 20.00 3.42
N TYR C 42 12.97 21.20 3.96
CA TYR C 42 13.37 22.36 3.16
C TYR C 42 14.31 23.30 3.88
N HIS C 43 15.44 23.58 3.23
CA HIS C 43 16.44 24.53 3.73
C HIS C 43 16.85 24.31 5.19
N PRO C 44 17.35 23.11 5.52
CA PRO C 44 17.89 22.86 6.86
C PRO C 44 19.12 23.73 7.06
N HIS C 45 19.30 24.27 8.26
CA HIS C 45 20.52 25.02 8.56
C HIS C 45 21.42 24.22 9.47
N LEU C 46 22.59 23.88 8.96
CA LEU C 46 23.50 22.98 9.66
C LEU C 46 24.40 23.70 10.67
N ASP C 47 24.56 25.01 10.50
CA ASP C 47 25.37 25.78 11.44
C ASP C 47 24.77 27.16 11.73
N LEU C 48 25.37 27.85 12.69
CA LEU C 48 24.91 29.17 13.10
C LEU C 48 25.04 30.19 11.98
N ASN C 49 26.22 30.24 11.35
CA ASN C 49 26.45 31.20 10.29
C ASN C 49 25.41 31.15 9.17
N SER C 50 25.05 29.95 8.74
CA SER C 50 24.11 29.82 7.63
C SER C 50 22.71 30.25 8.08
N ALA C 51 22.36 29.93 9.32
CA ALA C 51 21.07 30.37 9.84
C ALA C 51 21.00 31.89 9.91
N LEU C 52 22.11 32.53 10.25
CA LEU C 52 22.14 33.98 10.35
C LEU C 52 22.14 34.66 8.99
N ARG C 53 22.69 33.99 7.98
CA ARG C 53 22.62 34.49 6.62
C ARG C 53 21.17 34.50 6.15
N THR C 54 20.42 33.47 6.51
CA THR C 54 19.00 33.40 6.15
C THR C 54 18.22 34.46 6.91
N ALA C 55 18.53 34.65 8.18
CA ALA C 55 17.84 35.64 9.00
C ALA C 55 18.03 37.03 8.41
N GLU C 56 19.26 37.34 8.02
CA GLU C 56 19.57 38.64 7.45
C GLU C 56 18.79 38.88 6.16
N LYS C 57 18.71 37.87 5.31
CA LYS C 57 17.96 37.98 4.06
C LYS C 57 16.48 38.23 4.35
N VAL C 59 15.13 39.47 7.08
CA VAL C 59 15.00 40.82 7.63
C VAL C 59 15.01 41.86 6.51
N ASP C 60 15.92 41.69 5.55
CA ASP C 60 15.97 42.57 4.38
C ASP C 60 14.68 42.50 3.55
N GLU C 61 14.10 41.32 3.47
CA GLU C 61 12.89 41.12 2.68
C GLU C 61 11.62 41.57 3.40
N GLY C 62 11.78 42.00 4.66
CA GLY C 62 10.69 42.59 5.41
C GLY C 62 9.89 41.68 6.34
N ALA C 63 10.52 40.62 6.85
CA ALA C 63 9.80 39.74 7.76
C ALA C 63 9.35 40.50 9.00
N ASP C 64 8.17 40.17 9.52
CA ASP C 64 7.70 40.74 10.80
C ASP C 64 8.15 39.89 11.99
N ILE C 65 8.15 38.58 11.79
CA ILE C 65 8.50 37.61 12.82
C ILE C 65 9.46 36.62 12.18
N LEU C 66 10.40 36.12 12.97
CA LEU C 66 11.24 35.01 12.54
C LEU C 66 10.97 33.80 13.42
N ASP C 67 10.53 32.71 12.81
CA ASP C 67 10.21 31.48 13.55
C ASP C 67 11.40 30.50 13.53
N ILE C 68 11.99 30.27 14.69
CA ILE C 68 13.17 29.40 14.80
C ILE C 68 12.80 28.06 15.40
N GLY C 69 13.02 26.98 14.65
CA GLY C 69 12.70 25.64 15.10
C GLY C 69 13.85 24.67 14.93
N GLY C 70 13.95 23.69 15.81
CA GLY C 70 15.04 22.73 15.74
C GLY C 70 14.69 21.35 16.26
N GLU C 71 13.40 21.09 16.42
CA GLU C 71 12.93 19.82 16.95
C GLU C 71 13.32 18.67 16.03
N SER C 85 17.41 14.53 24.03
CA SER C 85 16.88 15.11 22.80
C SER C 85 16.47 16.56 23.00
N THR C 86 16.53 17.03 24.24
CA THR C 86 16.21 18.42 24.57
C THR C 86 17.45 19.32 24.53
N GLN C 87 18.58 18.78 24.96
CA GLN C 87 19.82 19.56 25.00
C GLN C 87 20.33 19.92 23.60
N ILE C 88 20.25 18.95 22.69
CA ILE C 88 20.61 19.16 21.28
C ILE C 88 19.70 20.20 20.63
N GLU C 89 18.43 20.21 21.02
CA GLU C 89 17.49 21.22 20.52
C GLU C 89 17.94 22.59 21.02
N LEU C 90 18.31 22.66 22.29
CA LEU C 90 18.79 23.91 22.88
C LEU C 90 20.12 24.39 22.27
N ASP C 91 21.03 23.45 22.03
CA ASP C 91 22.33 23.80 21.46
C ASP C 91 22.18 24.40 20.05
N ARG C 92 21.12 24.00 19.35
CA ARG C 92 20.82 24.54 18.03
C ARG C 92 20.10 25.89 18.10
N LEU C 93 19.02 25.94 18.89
CA LEU C 93 18.17 27.12 18.94
C LEU C 93 18.82 28.32 19.59
N LEU C 94 19.28 28.15 20.82
CA LEU C 94 19.72 29.28 21.64
C LEU C 94 20.73 30.22 20.95
N PRO C 95 21.78 29.66 20.33
CA PRO C 95 22.75 30.55 19.69
C PRO C 95 22.10 31.42 18.60
N VAL C 96 21.15 30.86 17.88
CA VAL C 96 20.48 31.59 16.82
C VAL C 96 19.56 32.69 17.36
N ILE C 97 18.77 32.34 18.37
CA ILE C 97 17.86 33.30 18.99
C ILE C 97 18.63 34.46 19.59
N ASP C 98 19.71 34.15 20.29
CA ASP C 98 20.55 35.16 20.90
C ASP C 98 21.11 36.10 19.85
N ALA C 99 21.67 35.54 18.79
CA ALA C 99 22.26 36.34 17.72
C ALA C 99 21.21 37.22 17.03
N ILE C 100 20.05 36.65 16.74
CA ILE C 100 18.99 37.42 16.10
C ILE C 100 18.49 38.53 17.02
N LYS C 101 18.31 38.22 18.30
CA LYS C 101 17.87 39.21 19.28
C LYS C 101 18.85 40.38 19.35
N LYS C 102 20.15 40.06 19.25
CA LYS C 102 21.20 41.06 19.32
C LYS C 102 21.24 41.97 18.09
N ARG C 103 20.92 41.40 16.93
CA ARG C 103 21.15 42.10 15.66
C ARG C 103 19.92 42.76 15.04
N PHE C 104 18.74 42.15 15.22
CA PHE C 104 17.56 42.58 14.51
C PHE C 104 16.41 42.99 15.42
N PRO C 105 15.48 43.82 14.92
CA PRO C 105 14.32 44.28 15.68
C PRO C 105 13.10 43.37 15.54
N GLN C 106 13.21 42.31 14.74
CA GLN C 106 12.08 41.42 14.48
C GLN C 106 11.65 40.65 15.73
N LEU C 107 10.35 40.42 15.84
CA LEU C 107 9.81 39.52 16.85
C LEU C 107 10.34 38.12 16.58
N ILE C 108 10.65 37.39 17.64
CA ILE C 108 11.17 36.05 17.52
C ILE C 108 10.16 35.02 18.03
N SER C 109 9.84 34.05 17.20
CA SER C 109 8.99 32.94 17.62
C SER C 109 9.88 31.70 17.75
N VAL C 110 9.63 30.91 18.80
CA VAL C 110 10.30 29.62 18.92
C VAL C 110 9.32 28.49 18.67
N ASP C 111 9.67 27.61 17.75
CA ASP C 111 8.81 26.50 17.33
C ASP C 111 9.21 25.27 18.13
N THR C 112 8.48 25.00 19.22
CA THR C 112 8.81 23.86 20.08
C THR C 112 7.58 23.39 20.84
N SER C 113 7.64 22.17 21.37
CA SER C 113 6.57 21.64 22.21
C SER C 113 7.09 21.36 23.62
N ARG C 114 8.39 21.55 23.82
CA ARG C 114 9.05 21.23 25.09
C ARG C 114 9.12 22.41 26.07
N PRO C 115 8.50 22.26 27.26
CA PRO C 115 8.52 23.30 28.29
C PRO C 115 9.89 23.89 28.58
N ARG C 116 10.93 23.06 28.70
CA ARG C 116 12.25 23.60 29.00
C ARG C 116 12.79 24.47 27.87
N VAL C 117 12.53 24.07 26.63
CA VAL C 117 12.93 24.88 25.49
C VAL C 117 12.20 26.22 25.50
N ARG C 119 11.06 27.88 28.06
CA ARG C 119 11.63 28.71 29.12
C ARG C 119 12.96 29.34 28.72
N GLU C 120 13.87 28.52 28.19
CA GLU C 120 15.22 29.04 27.88
C GLU C 120 15.18 29.92 26.64
N ALA C 121 14.33 29.54 25.68
CA ALA C 121 14.17 30.35 24.48
C ALA C 121 13.69 31.75 24.84
N VAL C 122 12.71 31.83 25.73
CA VAL C 122 12.18 33.13 26.13
C VAL C 122 13.23 33.89 26.95
N ASN C 123 13.94 33.18 27.81
CA ASN C 123 15.00 33.82 28.57
C ASN C 123 16.06 34.42 27.65
N THR C 124 16.25 33.79 26.49
CA THR C 124 17.26 34.22 25.53
C THR C 124 16.72 35.28 24.56
N GLY C 125 15.40 35.48 24.54
CA GLY C 125 14.84 36.57 23.76
C GLY C 125 13.63 36.26 22.90
N ALA C 126 13.21 35.01 22.81
CA ALA C 126 11.98 34.72 22.04
C ALA C 126 10.81 35.50 22.63
N ASP C 127 9.97 36.05 21.76
CA ASP C 127 8.81 36.85 22.17
C ASP C 127 7.53 36.05 22.18
N ILE C 129 5.75 31.76 21.43
CA ILE C 129 5.94 30.33 21.30
C ILE C 129 5.00 29.80 20.22
N ASN C 130 5.55 29.01 19.29
CA ASN C 130 4.73 28.35 18.27
C ASN C 130 4.69 26.85 18.55
N ASP C 131 3.55 26.35 18.99
CA ASP C 131 3.46 24.93 19.36
C ASP C 131 2.59 24.11 18.41
N GLN C 132 3.23 23.27 17.61
CA GLN C 132 2.53 22.39 16.69
C GLN C 132 1.63 21.42 17.44
N ARG C 133 1.89 21.24 18.73
CA ARG C 133 1.10 20.33 19.55
C ARG C 133 0.13 21.07 20.48
N ALA C 134 0.02 22.38 20.30
CA ALA C 134 -0.93 23.20 21.06
C ALA C 134 -0.87 22.96 22.57
N LEU C 135 0.34 22.97 23.12
CA LEU C 135 0.55 22.88 24.57
C LEU C 135 0.01 21.61 25.21
N GLN C 136 -0.07 20.53 24.43
CA GLN C 136 -0.52 19.25 24.95
C GLN C 136 0.51 18.53 25.81
N LEU C 137 1.79 18.75 25.54
CA LEU C 137 2.85 18.07 26.28
C LEU C 137 2.88 18.56 27.73
N ASP C 138 2.79 17.63 28.68
CA ASP C 138 2.64 18.01 30.08
C ASP C 138 3.57 19.14 30.51
N ASP C 139 3.01 20.11 31.25
CA ASP C 139 3.75 21.27 31.75
C ASP C 139 3.74 22.44 30.76
N ALA C 140 3.48 22.16 29.49
CA ALA C 140 3.53 23.20 28.46
C ALA C 140 2.52 24.32 28.72
N LEU C 141 1.29 23.93 29.04
CA LEU C 141 0.24 24.91 29.30
C LEU C 141 0.63 25.87 30.41
N THR C 142 0.96 25.32 31.57
CA THR C 142 1.35 26.15 32.71
C THR C 142 2.59 26.99 32.40
N THR C 143 3.51 26.43 31.61
CA THR C 143 4.74 27.14 31.27
C THR C 143 4.43 28.40 30.45
N VAL C 144 3.58 28.26 29.43
CA VAL C 144 3.21 29.43 28.61
C VAL C 144 2.46 30.46 29.44
N SER C 145 1.56 30.02 30.31
CA SER C 145 0.86 30.96 31.19
C SER C 145 1.88 31.71 32.07
N ALA C 146 2.86 30.99 32.58
CA ALA C 146 3.86 31.58 33.46
C ALA C 146 4.77 32.57 32.73
N LEU C 147 5.05 32.29 31.46
CA LEU C 147 5.97 33.13 30.69
C LEU C 147 5.27 34.38 30.14
N LYS C 148 3.95 34.33 30.09
CA LYS C 148 3.15 35.47 29.62
C LYS C 148 3.40 35.86 28.16
N THR C 149 3.89 34.92 27.36
CA THR C 149 4.11 35.19 25.95
C THR C 149 2.92 34.78 25.09
N PRO C 150 2.72 35.47 23.95
CA PRO C 150 1.74 34.96 22.98
C PRO C 150 2.12 33.53 22.56
N VAL C 151 1.12 32.75 22.19
CA VAL C 151 1.37 31.37 21.76
C VAL C 151 0.50 31.04 20.55
N CYS C 152 1.06 30.28 19.61
CA CYS C 152 0.27 29.77 18.49
C CYS C 152 -0.10 28.33 18.76
N LEU C 153 -1.40 28.07 18.76
CA LEU C 153 -1.92 26.73 18.96
C LEU C 153 -2.25 26.15 17.59
N HIS C 155 -3.52 23.04 15.18
CA HIS C 155 -4.27 21.81 15.28
C HIS C 155 -3.39 20.66 14.83
N PHE C 156 -3.39 19.59 15.62
CA PHE C 156 -2.61 18.39 15.34
C PHE C 156 -3.44 17.18 15.78
N PRO C 157 -3.41 16.09 15.00
CA PRO C 157 -4.28 14.95 15.34
C PRO C 157 -4.11 14.46 16.78
N SER C 158 -5.22 14.18 17.46
CA SER C 158 -5.16 13.59 18.80
C SER C 158 -4.14 12.47 18.72
N GLU C 159 -4.39 11.55 17.81
CA GLU C 159 -3.37 10.60 17.34
C GLU C 159 -3.65 10.24 15.89
N THR C 160 -3.01 9.18 15.41
CA THR C 160 -3.08 8.84 13.99
C THR C 160 -4.50 8.83 13.42
N ARG C 161 -4.75 9.73 12.48
CA ARG C 161 -6.04 9.79 11.82
C ARG C 161 -5.90 9.23 10.41
N LYS C 162 -6.94 8.58 9.92
CA LYS C 162 -6.94 8.13 8.54
C LYS C 162 -7.48 9.24 7.64
N PRO C 163 -6.61 9.84 6.82
CA PRO C 163 -7.10 10.90 5.92
C PRO C 163 -8.20 10.35 5.03
N GLY C 164 -9.24 11.16 4.80
CA GLY C 164 -10.32 10.78 3.91
C GLY C 164 -11.34 9.88 4.56
N SER C 165 -11.23 9.69 5.87
CA SER C 165 -12.08 8.77 6.61
C SER C 165 -13.42 9.39 7.04
N THR C 166 -13.59 10.69 6.84
CA THR C 166 -14.86 11.34 7.14
C THR C 166 -15.17 12.30 6.02
N THR C 167 -16.38 12.83 5.99
CA THR C 167 -16.68 13.86 4.99
C THR C 167 -15.85 15.09 5.31
N HIS C 168 -15.66 15.95 4.33
CA HIS C 168 -14.89 17.17 4.52
C HIS C 168 -15.55 18.05 5.57
N PHE C 169 -16.87 18.16 5.49
CA PHE C 169 -17.63 18.97 6.43
C PHE C 169 -17.44 18.50 7.89
N TYR C 170 -17.56 17.20 8.12
CA TYR C 170 -17.43 16.70 9.49
C TYR C 170 -16.00 16.80 9.99
N PHE C 171 -15.03 16.66 9.09
CA PHE C 171 -13.64 16.86 9.47
C PHE C 171 -13.38 18.29 9.94
N LEU C 172 -13.89 19.25 9.18
CA LEU C 172 -13.76 20.66 9.54
C LEU C 172 -14.41 20.89 10.90
N GLN C 173 -15.57 20.30 11.12
N GLN C 173 -15.57 20.28 11.10
CA GLN C 173 -16.25 20.44 12.40
CA GLN C 173 -16.28 20.39 12.36
C GLN C 173 -15.35 19.98 13.54
C GLN C 173 -15.39 19.96 13.53
N SER C 174 -14.69 18.84 13.37
CA SER C 174 -13.80 18.34 14.41
C SER C 174 -12.56 19.22 14.65
N VAL C 175 -12.00 19.78 13.58
CA VAL C 175 -10.86 20.68 13.73
C VAL C 175 -11.25 21.91 14.53
N LYS C 176 -12.38 22.53 14.16
CA LYS C 176 -12.88 23.70 14.87
C LYS C 176 -13.16 23.37 16.34
N LYS C 177 -13.82 22.24 16.57
CA LYS C 177 -14.14 21.82 17.93
C LYS C 177 -12.90 21.63 18.79
N GLU C 178 -11.90 20.96 18.23
CA GLU C 178 -10.68 20.71 18.98
C GLU C 178 -9.87 21.99 19.23
N LEU C 179 -9.83 22.88 18.25
CA LEU C 179 -9.17 24.17 18.45
C LEU C 179 -9.86 24.98 19.55
N GLN C 180 -11.19 24.98 19.53
CA GLN C 180 -11.93 25.66 20.58
C GLN C 180 -11.59 25.07 21.95
N GLU C 181 -11.49 23.74 22.03
CA GLU C 181 -11.09 23.10 23.28
C GLU C 181 -9.70 23.53 23.73
N SER C 182 -8.78 23.66 22.77
CA SER C 182 -7.43 24.13 23.08
C SER C 182 -7.45 25.56 23.60
N ILE C 183 -8.22 26.42 22.94
CA ILE C 183 -8.36 27.79 23.37
C ILE C 183 -8.88 27.85 24.80
N GLN C 184 -9.90 27.04 25.08
CA GLN C 184 -10.53 27.02 26.40
C GLN C 184 -9.55 26.56 27.48
N ARG C 185 -8.74 25.54 27.16
CA ARG C 185 -7.71 25.09 28.09
C ARG C 185 -6.73 26.22 28.39
N CYS C 186 -6.36 26.98 27.36
CA CYS C 186 -5.45 28.09 27.55
C CYS C 186 -6.03 29.14 28.49
N LYS C 187 -7.29 29.52 28.24
CA LYS C 187 -7.93 30.54 29.06
C LYS C 187 -8.03 30.09 30.52
N LYS C 188 -8.39 28.83 30.72
CA LYS C 188 -8.49 28.26 32.06
C LYS C 188 -7.14 28.30 32.79
N ALA C 189 -6.05 28.09 32.05
CA ALA C 189 -4.71 28.06 32.63
C ALA C 189 -4.18 29.47 32.88
N GLY C 190 -4.99 30.46 32.51
CA GLY C 190 -4.64 31.84 32.78
C GLY C 190 -3.88 32.52 31.65
N ILE C 191 -3.95 31.97 30.44
CA ILE C 191 -3.38 32.64 29.27
C ILE C 191 -4.35 33.68 28.72
N SER C 192 -3.88 34.91 28.54
CA SER C 192 -4.72 36.01 28.11
C SER C 192 -5.24 35.81 26.69
N GLU C 193 -6.44 36.29 26.44
CA GLU C 193 -7.08 36.16 25.13
C GLU C 193 -6.30 36.89 24.04
N ASP C 194 -5.58 37.95 24.40
CA ASP C 194 -4.76 38.68 23.43
C ASP C 194 -3.37 38.08 23.25
N ARG C 195 -3.23 36.83 23.67
CA ARG C 195 -1.96 36.13 23.52
C ARG C 195 -2.13 34.78 22.82
N ILE C 196 -3.29 34.58 22.22
CA ILE C 196 -3.59 33.31 21.58
C ILE C 196 -3.78 33.48 20.07
N ILE C 197 -3.02 32.71 19.30
CA ILE C 197 -3.13 32.63 17.86
C ILE C 197 -3.50 31.18 17.54
N ILE C 198 -4.35 30.96 16.54
CA ILE C 198 -4.67 29.60 16.14
C ILE C 198 -4.27 29.29 14.69
N ASP C 199 -4.08 28.00 14.41
CA ASP C 199 -3.54 27.55 13.13
C ASP C 199 -4.17 26.19 12.80
N PRO C 200 -4.80 26.07 11.63
CA PRO C 200 -5.49 24.82 11.28
C PRO C 200 -4.53 23.67 11.05
N GLY C 201 -3.24 23.98 10.94
CA GLY C 201 -2.23 22.94 10.80
C GLY C 201 -2.19 22.31 9.43
N PHE C 202 -1.96 23.13 8.41
CA PHE C 202 -1.86 22.64 7.03
C PHE C 202 -0.66 21.72 6.79
N GLY C 203 -0.91 20.59 6.13
CA GLY C 203 0.14 19.63 5.81
C GLY C 203 -0.38 18.21 5.70
N GLN C 204 0.48 17.31 5.25
CA GLN C 204 0.13 15.90 5.17
C GLN C 204 1.03 15.09 6.11
N GLY C 205 1.28 13.83 5.81
CA GLY C 205 2.06 13.01 6.72
C GLY C 205 1.42 12.97 8.09
N ASN C 206 2.17 13.26 9.15
CA ASN C 206 1.61 13.15 10.49
C ASN C 206 0.65 14.27 10.88
N TYR C 207 0.43 15.22 9.96
CA TYR C 207 -0.61 16.22 10.16
C TYR C 207 -1.99 15.63 9.84
N GLY C 208 -2.01 14.38 9.39
CA GLY C 208 -3.23 13.61 9.30
C GLY C 208 -4.30 14.14 8.37
N LYS C 209 -3.88 14.67 7.23
CA LYS C 209 -4.82 15.17 6.23
C LYS C 209 -4.34 14.78 4.85
N ASN C 210 -5.27 14.63 3.91
CA ASN C 210 -4.89 14.46 2.51
C ASN C 210 -4.96 15.79 1.79
N VAL C 211 -4.74 15.79 0.48
CA VAL C 211 -4.67 17.04 -0.27
C VAL C 211 -6.01 17.77 -0.24
N SER C 212 -7.09 17.04 -0.51
CA SER C 212 -8.41 17.66 -0.62
C SER C 212 -8.85 18.24 0.71
N GLU C 213 -8.50 17.56 1.81
CA GLU C 213 -8.81 18.06 3.15
C GLU C 213 -8.08 19.37 3.44
N ASN C 214 -6.81 19.46 3.07
CA ASN C 214 -6.07 20.70 3.21
C ASN C 214 -6.71 21.86 2.44
N PHE C 215 -7.08 21.60 1.20
CA PHE C 215 -7.66 22.66 0.37
C PHE C 215 -9.06 23.02 0.87
N TYR C 216 -9.77 22.03 1.41
CA TYR C 216 -11.08 22.32 1.98
C TYR C 216 -10.98 23.25 3.20
N LEU C 217 -10.00 23.01 4.06
CA LEU C 217 -9.79 23.90 5.21
C LEU C 217 -9.36 25.30 4.74
N LEU C 218 -8.57 25.38 3.66
CA LEU C 218 -8.17 26.68 3.12
C LEU C 218 -9.41 27.43 2.59
N ASN C 219 -10.24 26.72 1.84
CA ASN C 219 -11.46 27.31 1.31
C ASN C 219 -12.35 27.82 2.42
N LYS C 220 -12.41 27.07 3.52
CA LYS C 220 -13.29 27.38 4.66
C LYS C 220 -12.58 28.16 5.77
N LEU C 221 -11.43 28.74 5.46
CA LEU C 221 -10.66 29.47 6.46
C LEU C 221 -11.46 30.55 7.20
N PRO C 222 -12.44 31.19 6.52
CA PRO C 222 -13.23 32.19 7.24
C PRO C 222 -13.93 31.64 8.49
N GLU C 223 -14.20 30.34 8.51
CA GLU C 223 -14.83 29.73 9.68
C GLU C 223 -13.89 29.73 10.89
N PHE C 224 -12.60 29.65 10.64
CA PHE C 224 -11.61 29.75 11.71
C PHE C 224 -11.43 31.21 12.11
N VAL C 225 -11.41 32.09 11.11
CA VAL C 225 -11.24 33.52 11.36
C VAL C 225 -12.37 34.03 12.23
N ALA C 226 -13.57 33.48 12.02
CA ALA C 226 -14.74 33.88 12.78
C ALA C 226 -14.68 33.48 14.26
N GLY C 228 -12.55 34.50 16.27
CA GLY C 228 -12.20 35.72 17.02
C GLY C 228 -10.74 35.92 17.39
N LEU C 229 -9.89 34.97 17.03
CA LEU C 229 -8.45 35.08 17.30
C LEU C 229 -7.67 35.17 15.99
N PRO C 230 -6.46 35.76 16.03
CA PRO C 230 -5.67 35.81 14.80
C PRO C 230 -5.39 34.41 14.31
N VAL C 231 -5.50 34.21 13.00
CA VAL C 231 -5.29 32.91 12.40
C VAL C 231 -3.96 32.91 11.65
N LEU C 232 -3.14 31.89 11.91
CA LEU C 232 -1.86 31.70 11.26
C LEU C 232 -1.97 30.54 10.26
N SER C 233 -1.32 30.70 9.11
CA SER C 233 -1.43 29.71 8.04
C SER C 233 -0.05 29.47 7.43
N GLY C 234 0.30 28.18 7.26
CA GLY C 234 1.57 27.82 6.66
C GLY C 234 1.45 26.76 5.58
N TRP C 235 1.51 27.18 4.31
CA TRP C 235 1.50 26.27 3.16
C TRP C 235 2.90 26.12 2.52
N SER C 236 3.78 27.05 2.86
CA SER C 236 5.05 27.23 2.16
C SER C 236 5.79 25.95 1.74
N ARG C 237 5.81 25.69 0.44
CA ARG C 237 6.62 24.62 -0.14
C ARG C 237 6.20 23.22 0.31
N LYS C 238 5.01 23.11 0.90
CA LYS C 238 4.57 21.82 1.41
C LYS C 238 4.07 20.85 0.34
N SER C 239 3.93 19.60 0.75
CA SER C 239 3.60 18.50 -0.17
C SER C 239 2.31 18.68 -0.96
N ILE C 241 1.29 21.30 -2.39
CA ILE C 241 1.67 22.04 -3.59
C ILE C 241 2.46 21.13 -4.52
N GLY C 242 3.35 20.34 -3.93
CA GLY C 242 4.12 19.36 -4.68
C GLY C 242 3.22 18.39 -5.44
N ASP C 243 2.18 17.90 -4.78
CA ASP C 243 1.28 16.93 -5.38
C ASP C 243 0.43 17.54 -6.50
N VAL C 244 -0.14 18.73 -6.27
CA VAL C 244 -0.97 19.36 -7.29
C VAL C 244 -0.16 19.78 -8.51
N LEU C 245 1.08 20.20 -8.30
CA LEU C 245 1.92 20.70 -9.39
C LEU C 245 2.92 19.67 -9.91
N ASN C 246 3.04 18.53 -9.23
CA ASN C 246 4.09 17.56 -9.52
C ASN C 246 5.46 18.22 -9.55
N GLN C 247 5.82 18.88 -8.45
CA GLN C 247 7.08 19.61 -8.36
C GLN C 247 7.79 19.29 -7.04
N PRO C 248 9.12 19.18 -7.08
CA PRO C 248 9.93 19.06 -5.86
C PRO C 248 9.88 20.37 -5.08
N PRO C 249 10.28 20.34 -3.79
CA PRO C 249 10.12 21.52 -2.93
C PRO C 249 10.74 22.81 -3.49
N GLU C 250 11.85 22.67 -4.21
CA GLU C 250 12.55 23.83 -4.76
C GLU C 250 11.74 24.55 -5.84
N ASN C 251 10.78 23.84 -6.42
CA ASN C 251 9.97 24.40 -7.49
C ASN C 251 8.55 24.77 -7.08
N ARG C 252 8.31 24.90 -5.77
CA ARG C 252 6.95 25.11 -5.28
C ARG C 252 6.62 26.56 -4.96
N LEU C 253 7.48 27.50 -5.35
CA LEU C 253 7.27 28.90 -4.95
C LEU C 253 5.93 29.49 -5.41
N PHE C 254 5.61 29.35 -6.70
CA PHE C 254 4.43 30.01 -7.23
C PHE C 254 3.14 29.41 -6.68
N GLY C 255 3.11 28.09 -6.53
CA GLY C 255 1.95 27.44 -5.95
C GLY C 255 1.75 27.85 -4.49
N SER C 256 2.85 28.00 -3.76
CA SER C 256 2.82 28.38 -2.36
C SER C 256 2.29 29.79 -2.18
N ILE C 257 2.78 30.68 -3.03
CA ILE C 257 2.28 32.06 -3.03
C ILE C 257 0.77 32.08 -3.21
N ALA C 258 0.26 31.23 -4.10
CA ALA C 258 -1.18 31.18 -4.35
C ALA C 258 -1.95 30.82 -3.08
N ALA C 259 -1.44 29.85 -2.33
CA ALA C 259 -2.11 29.45 -1.10
C ALA C 259 -2.12 30.59 -0.06
N ASP C 260 -1.00 31.31 0.06
CA ASP C 260 -0.92 32.46 0.97
C ASP C 260 -1.89 33.57 0.58
N VAL C 261 -1.96 33.86 -0.71
CA VAL C 261 -2.93 34.83 -1.21
C VAL C 261 -4.35 34.44 -0.79
N LEU C 262 -4.71 33.19 -1.00
CA LEU C 262 -6.05 32.75 -0.65
C LEU C 262 -6.28 32.78 0.86
N ALA C 263 -5.27 32.39 1.63
CA ALA C 263 -5.36 32.43 3.09
C ALA C 263 -5.63 33.85 3.59
N VAL C 264 -4.84 34.81 3.12
CA VAL C 264 -5.06 36.22 3.49
C VAL C 264 -6.40 36.75 2.94
N TYR C 265 -6.73 36.37 1.71
CA TYR C 265 -8.01 36.82 1.15
C TYR C 265 -9.15 36.37 2.05
N HIS C 266 -9.00 35.18 2.63
CA HIS C 266 -10.00 34.64 3.56
C HIS C 266 -9.84 35.10 5.02
N GLY C 267 -8.91 36.01 5.30
CA GLY C 267 -8.82 36.60 6.62
C GLY C 267 -7.68 36.18 7.52
N ALA C 268 -6.73 35.39 7.01
CA ALA C 268 -5.56 35.02 7.83
C ALA C 268 -4.79 36.25 8.31
N SER C 269 -4.28 36.18 9.54
CA SER C 269 -3.50 37.27 10.14
C SER C 269 -1.98 37.13 10.01
N ILE C 270 -1.49 35.89 9.95
CA ILE C 270 -0.05 35.65 9.89
C ILE C 270 0.22 34.55 8.88
N ILE C 271 1.23 34.74 8.04
CA ILE C 271 1.60 33.71 7.08
C ILE C 271 3.01 33.26 7.38
N ARG C 272 3.17 31.96 7.58
CA ARG C 272 4.46 31.37 7.89
C ARG C 272 5.06 30.86 6.59
N THR C 273 6.25 31.36 6.23
CA THR C 273 6.78 31.13 4.90
C THR C 273 8.30 31.03 4.83
N HIS C 274 8.80 30.29 3.85
CA HIS C 274 10.23 30.26 3.52
C HIS C 274 10.62 31.41 2.60
N ASP C 275 9.61 32.10 2.05
CA ASP C 275 9.87 33.11 1.01
C ASP C 275 9.21 34.41 1.39
N VAL C 276 9.93 35.21 2.16
CA VAL C 276 9.35 36.37 2.83
C VAL C 276 8.90 37.47 1.86
N LYS C 277 9.80 37.93 1.01
CA LYS C 277 9.48 39.02 0.09
C LYS C 277 8.32 38.66 -0.84
N ALA C 278 8.38 37.48 -1.44
CA ALA C 278 7.34 37.05 -2.37
C ALA C 278 5.99 36.98 -1.68
N THR C 279 5.97 36.38 -0.49
CA THR C 279 4.74 36.30 0.29
C THR C 279 4.21 37.69 0.65
N ARG C 280 5.08 38.57 1.14
CA ARG C 280 4.68 39.90 1.57
C ARG C 280 4.02 40.69 0.44
N GLU C 281 4.62 40.63 -0.73
CA GLU C 281 4.10 41.36 -1.88
C GLU C 281 2.79 40.76 -2.38
N ALA C 282 2.74 39.44 -2.48
CA ALA C 282 1.52 38.77 -2.92
C ALA C 282 0.34 39.05 -1.99
N ILE C 283 0.56 38.95 -0.68
CA ILE C 283 -0.57 39.07 0.24
C ILE C 283 -1.07 40.51 0.36
N LYS C 284 -0.22 41.47 0.03
CA LYS C 284 -0.66 42.86 0.01
C LYS C 284 -1.76 43.03 -1.04
N ILE C 285 -1.63 42.32 -2.15
CA ILE C 285 -2.68 42.32 -3.18
C ILE C 285 -3.96 41.65 -2.65
N ALA C 286 -3.82 40.52 -1.97
CA ALA C 286 -4.98 39.86 -1.36
C ALA C 286 -5.71 40.79 -0.39
N THR C 287 -4.94 41.51 0.42
CA THR C 287 -5.51 42.41 1.41
C THR C 287 -6.30 43.52 0.76
N TYR C 288 -5.74 44.08 -0.31
CA TYR C 288 -6.43 45.17 -0.99
C TYR C 288 -7.72 44.67 -1.64
N THR C 289 -7.67 43.47 -2.22
CA THR C 289 -8.84 42.91 -2.86
C THR C 289 -9.94 42.70 -1.83
N ARG C 290 -9.54 42.12 -0.70
CA ARG C 290 -10.44 41.82 0.39
C ARG C 290 -11.02 43.10 1.03
N SER C 291 -10.23 44.17 1.04
CA SER C 291 -10.60 45.38 1.79
C SER C 291 -11.36 46.47 1.03
N VAL C 292 -11.58 46.31 -0.27
CA VAL C 292 -12.39 47.30 -1.00
C VAL C 292 -13.85 47.22 -0.58
N SER D 12 13.71 -19.70 -35.50
CA SER D 12 15.05 -19.36 -35.07
C SER D 12 15.55 -18.06 -35.72
N PHE D 13 15.63 -17.00 -34.92
CA PHE D 13 16.14 -15.72 -35.40
C PHE D 13 17.05 -15.08 -34.36
N HIS D 14 17.67 -13.96 -34.71
CA HIS D 14 18.61 -13.30 -33.82
C HIS D 14 18.54 -11.79 -33.93
N LEU D 15 18.95 -11.11 -32.88
CA LEU D 15 19.07 -9.65 -32.89
C LEU D 15 20.41 -9.26 -32.28
N ARG D 16 20.88 -8.06 -32.61
CA ARG D 16 22.11 -7.56 -32.01
C ARG D 16 21.81 -6.36 -31.13
N LEU D 17 22.08 -6.50 -29.83
CA LEU D 17 21.84 -5.41 -28.90
C LEU D 17 22.92 -4.35 -29.08
N ARG D 18 22.72 -3.19 -28.46
CA ARG D 18 23.64 -2.07 -28.62
C ARG D 18 25.02 -2.34 -28.02
N ASP D 19 25.14 -3.40 -27.22
CA ASP D 19 26.43 -3.78 -26.66
C ASP D 19 27.11 -4.76 -27.60
N ASP D 20 26.56 -4.86 -28.80
CA ASP D 20 27.11 -5.69 -29.87
C ASP D 20 26.91 -7.18 -29.62
N LYS D 21 26.28 -7.54 -28.50
CA LYS D 21 26.03 -8.94 -28.21
C LYS D 21 24.80 -9.46 -28.97
N ARG D 22 24.96 -10.65 -29.55
CA ARG D 22 23.89 -11.26 -30.33
C ARG D 22 23.00 -12.11 -29.43
N ILE D 23 21.70 -11.91 -29.53
CA ILE D 23 20.74 -12.72 -28.80
C ILE D 23 20.02 -13.63 -29.78
N VAL D 24 19.91 -14.90 -29.42
CA VAL D 24 19.35 -15.90 -30.32
C VAL D 24 18.04 -16.46 -29.78
N PHE D 25 17.03 -16.52 -30.63
CA PHE D 25 15.76 -17.13 -30.24
C PHE D 25 15.58 -18.43 -31.00
N SER D 26 15.44 -19.52 -30.26
CA SER D 26 15.31 -20.84 -30.87
C SER D 26 13.87 -21.12 -31.28
N GLU D 27 12.95 -20.28 -30.78
CA GLU D 27 11.55 -20.36 -31.14
C GLU D 27 10.97 -18.95 -31.18
N PRO D 28 9.76 -18.80 -31.76
CA PRO D 28 9.18 -17.45 -31.80
C PRO D 28 9.13 -16.86 -30.41
N ALA D 29 9.39 -15.56 -30.31
CA ALA D 29 9.43 -14.87 -29.02
C ALA D 29 8.05 -14.29 -28.71
N VAL D 30 7.68 -14.32 -27.44
CA VAL D 30 6.44 -13.70 -27.01
C VAL D 30 6.75 -12.37 -26.33
N GLY D 32 5.13 -9.46 -24.22
CA GLY D 32 4.00 -9.06 -23.40
C GLY D 32 3.84 -7.56 -23.37
N ILE D 33 2.59 -7.10 -23.37
CA ILE D 33 2.27 -5.68 -23.47
C ILE D 33 2.06 -5.08 -22.08
N ILE D 34 2.83 -4.04 -21.77
CA ILE D 34 2.55 -3.26 -20.58
C ILE D 34 2.33 -1.79 -20.94
N ASN D 35 1.08 -1.38 -21.02
CA ASN D 35 0.76 0.01 -21.31
C ASN D 35 0.53 0.78 -20.03
N VAL D 36 1.26 1.88 -19.87
CA VAL D 36 1.19 2.67 -18.64
C VAL D 36 0.41 3.97 -18.83
N SER D 37 -0.25 4.09 -19.97
CA SER D 37 -1.12 5.24 -20.23
C SER D 37 -2.51 4.99 -19.65
N PRO D 38 -3.15 6.05 -19.13
CA PRO D 38 -4.48 5.96 -18.52
C PRO D 38 -5.56 5.56 -19.52
N ASN D 39 -5.54 6.14 -20.71
CA ASN D 39 -6.54 5.81 -21.74
C ASN D 39 -6.07 4.71 -22.68
N SER D 40 -6.21 3.45 -22.25
CA SER D 40 -5.97 2.33 -23.13
C SER D 40 -7.18 1.41 -23.15
N PHE D 41 -7.44 0.82 -24.32
CA PHE D 41 -8.69 0.10 -24.54
C PHE D 41 -8.82 -1.20 -23.74
N TYR D 42 -7.71 -1.70 -23.22
CA TYR D 42 -7.75 -2.96 -22.48
C TYR D 42 -7.27 -2.85 -21.03
N HIS D 43 -5.97 -2.94 -20.82
CA HIS D 43 -5.44 -2.97 -19.46
C HIS D 43 -4.49 -1.81 -19.15
N PRO D 44 -5.06 -0.60 -18.98
CA PRO D 44 -4.25 0.55 -18.60
C PRO D 44 -3.56 0.29 -17.25
N HIS D 45 -2.31 0.71 -17.13
CA HIS D 45 -1.62 0.65 -15.84
C HIS D 45 -1.41 2.08 -15.35
N LEU D 46 -2.07 2.43 -14.24
CA LEU D 46 -2.13 3.81 -13.78
C LEU D 46 -1.06 4.15 -12.76
N ASP D 47 -0.31 3.15 -12.32
CA ASP D 47 0.74 3.38 -11.34
C ASP D 47 1.89 2.37 -11.48
N LEU D 48 3.04 2.73 -10.92
CA LEU D 48 4.23 1.89 -11.00
C LEU D 48 3.99 0.48 -10.49
N ASN D 49 3.24 0.36 -9.39
CA ASN D 49 2.99 -0.94 -8.78
C ASN D 49 2.15 -1.88 -9.63
N SER D 50 1.11 -1.38 -10.27
CA SER D 50 0.30 -2.23 -11.13
C SER D 50 1.13 -2.73 -12.31
N ALA D 51 1.95 -1.85 -12.87
CA ALA D 51 2.79 -2.20 -14.01
C ALA D 51 3.77 -3.31 -13.65
N LEU D 52 4.29 -3.25 -12.43
CA LEU D 52 5.24 -4.23 -11.93
C LEU D 52 4.59 -5.59 -11.64
N ARG D 53 3.34 -5.56 -11.15
CA ARG D 53 2.61 -6.80 -10.93
C ARG D 53 2.42 -7.51 -12.26
N THR D 54 2.03 -6.76 -13.27
CA THR D 54 1.81 -7.34 -14.59
C THR D 54 3.13 -7.90 -15.13
N ALA D 55 4.20 -7.12 -15.03
CA ALA D 55 5.52 -7.57 -15.44
C ALA D 55 5.91 -8.90 -14.77
N GLU D 56 5.76 -8.97 -13.46
CA GLU D 56 6.08 -10.21 -12.73
C GLU D 56 5.26 -11.38 -13.25
N LYS D 57 3.97 -11.15 -13.49
CA LYS D 57 3.10 -12.21 -13.98
C LYS D 57 3.55 -12.67 -15.37
N VAL D 59 6.51 -12.42 -16.73
CA VAL D 59 7.81 -13.05 -16.64
C VAL D 59 7.62 -14.49 -16.16
N ASP D 60 6.79 -14.67 -15.14
CA ASP D 60 6.45 -15.99 -14.65
C ASP D 60 5.85 -16.85 -15.76
N GLU D 61 5.01 -16.23 -16.59
CA GLU D 61 4.36 -16.94 -17.69
C GLU D 61 5.26 -17.20 -18.89
N GLY D 62 6.49 -16.66 -18.84
CA GLY D 62 7.48 -16.98 -19.85
C GLY D 62 7.71 -15.96 -20.95
N ALA D 63 7.31 -14.71 -20.73
CA ALA D 63 7.53 -13.69 -21.75
C ALA D 63 9.02 -13.52 -22.03
N ASP D 64 9.36 -13.30 -23.30
CA ASP D 64 10.75 -13.09 -23.70
C ASP D 64 11.09 -11.61 -23.72
N ILE D 65 10.08 -10.78 -23.95
CA ILE D 65 10.26 -9.35 -24.14
C ILE D 65 9.06 -8.66 -23.49
N LEU D 66 9.31 -7.53 -22.86
CA LEU D 66 8.23 -6.72 -22.30
C LEU D 66 8.20 -5.40 -23.06
N ASP D 67 7.06 -5.12 -23.68
CA ASP D 67 6.89 -3.91 -24.45
C ASP D 67 6.16 -2.85 -23.63
N ILE D 68 6.89 -1.82 -23.24
CA ILE D 68 6.34 -0.79 -22.38
C ILE D 68 5.98 0.43 -23.22
N GLY D 69 4.73 0.88 -23.10
CA GLY D 69 4.27 2.02 -23.87
C GLY D 69 3.58 3.02 -22.98
N GLY D 70 3.78 4.31 -23.28
CA GLY D 70 3.19 5.36 -22.48
C GLY D 70 2.23 6.21 -23.30
N GLU D 71 2.10 5.85 -24.58
CA GLU D 71 1.13 6.51 -25.46
C GLU D 71 -0.20 5.79 -25.38
N ALA D 72 -1.27 6.55 -25.15
CA ALA D 72 -2.61 5.99 -25.10
C ALA D 72 -2.99 5.44 -26.46
N THR D 73 -3.55 4.24 -26.48
CA THR D 73 -3.89 3.60 -27.75
C THR D 73 -5.38 3.30 -27.89
N ASN D 74 -6.11 4.25 -28.46
CA ASN D 74 -7.43 3.96 -29.01
C ASN D 74 -7.45 4.39 -30.46
N PRO D 75 -7.48 3.40 -31.36
CA PRO D 75 -7.36 3.63 -32.80
C PRO D 75 -8.57 4.36 -33.37
N PHE D 76 -9.62 4.53 -32.58
CA PHE D 76 -10.84 5.13 -33.10
C PHE D 76 -11.05 6.62 -32.77
N VAL D 77 -10.02 7.27 -32.23
CA VAL D 77 -10.07 8.71 -32.01
C VAL D 77 -8.80 9.41 -32.48
N SER D 85 4.10 17.06 -23.45
CA SER D 85 3.55 15.72 -23.61
C SER D 85 4.65 14.66 -23.60
N THR D 86 5.77 14.98 -24.23
CA THR D 86 6.93 14.09 -24.23
C THR D 86 7.38 13.82 -22.81
N GLN D 87 7.29 14.84 -21.96
CA GLN D 87 7.67 14.72 -20.56
C GLN D 87 6.72 13.81 -19.80
N ILE D 88 5.42 13.96 -20.07
CA ILE D 88 4.40 13.13 -19.43
C ILE D 88 4.58 11.65 -19.77
N GLU D 89 5.01 11.39 -21.00
CA GLU D 89 5.28 10.03 -21.46
C GLU D 89 6.50 9.46 -20.73
N LEU D 90 7.48 10.33 -20.48
CA LEU D 90 8.70 9.93 -19.78
C LEU D 90 8.44 9.65 -18.30
N ASP D 91 7.59 10.47 -17.68
CA ASP D 91 7.28 10.30 -16.26
C ASP D 91 6.56 8.99 -15.99
N ARG D 92 5.83 8.50 -16.98
CA ARG D 92 5.10 7.23 -16.86
C ARG D 92 6.00 6.06 -17.16
N LEU D 93 6.90 6.23 -18.13
CA LEU D 93 7.70 5.15 -18.66
C LEU D 93 8.95 4.85 -17.86
N LEU D 94 9.75 5.88 -17.62
CA LEU D 94 11.08 5.69 -17.05
C LEU D 94 11.09 4.91 -15.74
N PRO D 95 10.18 5.24 -14.81
CA PRO D 95 10.15 4.50 -13.54
C PRO D 95 9.87 3.01 -13.77
N VAL D 96 8.97 2.71 -14.69
CA VAL D 96 8.64 1.32 -15.02
C VAL D 96 9.84 0.59 -15.65
N ILE D 97 10.44 1.22 -16.66
CA ILE D 97 11.60 0.63 -17.32
C ILE D 97 12.73 0.39 -16.32
N ASP D 98 12.95 1.37 -15.44
CA ASP D 98 13.99 1.26 -14.43
C ASP D 98 13.72 0.09 -13.48
N ALA D 99 12.48 0.00 -12.99
CA ALA D 99 12.12 -1.04 -12.05
C ALA D 99 12.20 -2.42 -12.69
N ILE D 100 11.92 -2.49 -13.98
CA ILE D 100 11.99 -3.76 -14.70
C ILE D 100 13.44 -4.15 -14.96
N LYS D 101 14.26 -3.17 -15.33
CA LYS D 101 15.66 -3.41 -15.63
C LYS D 101 16.37 -3.99 -14.40
N LYS D 102 16.01 -3.48 -13.24
CA LYS D 102 16.65 -3.90 -11.98
C LYS D 102 16.19 -5.26 -11.50
N ARG D 103 15.10 -5.77 -12.06
CA ARG D 103 14.47 -6.98 -11.52
C ARG D 103 14.47 -8.20 -12.44
N PHE D 104 14.34 -7.96 -13.75
CA PHE D 104 14.14 -9.06 -14.68
C PHE D 104 15.20 -9.10 -15.77
N PRO D 105 15.50 -10.30 -16.26
CA PRO D 105 16.46 -10.49 -17.35
C PRO D 105 15.81 -10.30 -18.73
N GLN D 106 14.49 -10.24 -18.80
CA GLN D 106 13.80 -10.12 -20.09
C GLN D 106 14.21 -8.87 -20.87
N LEU D 107 14.17 -8.97 -22.19
CA LEU D 107 14.39 -7.82 -23.05
C LEU D 107 13.28 -6.79 -22.85
N ILE D 108 13.66 -5.52 -22.85
CA ILE D 108 12.71 -4.45 -22.66
C ILE D 108 12.56 -3.69 -23.97
N SER D 109 11.32 -3.58 -24.43
CA SER D 109 11.01 -2.80 -25.62
C SER D 109 10.24 -1.56 -25.18
N VAL D 110 10.55 -0.42 -25.80
CA VAL D 110 9.79 0.79 -25.56
C VAL D 110 8.96 1.17 -26.79
N ASP D 111 7.65 1.22 -26.61
CA ASP D 111 6.73 1.54 -27.70
C ASP D 111 6.55 3.06 -27.78
N THR D 112 7.28 3.69 -28.69
CA THR D 112 7.25 5.15 -28.84
C THR D 112 7.74 5.60 -30.20
N SER D 113 7.29 6.78 -30.62
CA SER D 113 7.71 7.37 -31.88
C SER D 113 8.54 8.63 -31.63
N ARG D 114 8.67 9.02 -30.37
CA ARG D 114 9.37 10.26 -30.02
C ARG D 114 10.84 10.01 -29.74
N PRO D 115 11.72 10.62 -30.55
CA PRO D 115 13.18 10.46 -30.43
C PRO D 115 13.71 10.69 -29.02
N ARG D 116 13.23 11.73 -28.35
CA ARG D 116 13.71 12.01 -26.99
C ARG D 116 13.36 10.86 -26.06
N VAL D 117 12.16 10.32 -26.21
CA VAL D 117 11.72 9.20 -25.39
C VAL D 117 12.59 7.98 -25.67
N ARG D 119 15.77 7.89 -26.66
CA ARG D 119 17.06 8.08 -26.00
C ARG D 119 16.98 7.85 -24.49
N GLU D 120 16.00 8.49 -23.84
CA GLU D 120 15.91 8.40 -22.38
C GLU D 120 15.52 7.00 -21.93
N ALA D 121 14.67 6.34 -22.71
CA ALA D 121 14.24 4.99 -22.37
C ALA D 121 15.41 4.03 -22.50
N VAL D 122 16.15 4.13 -23.60
CA VAL D 122 17.31 3.28 -23.80
C VAL D 122 18.34 3.53 -22.71
N ASN D 123 18.59 4.80 -22.41
CA ASN D 123 19.51 5.15 -21.34
C ASN D 123 19.09 4.56 -20.00
N THR D 124 17.79 4.35 -19.82
CA THR D 124 17.24 3.83 -18.58
C THR D 124 17.26 2.31 -18.55
N GLY D 125 17.39 1.70 -19.73
CA GLY D 125 17.54 0.25 -19.80
C GLY D 125 16.80 -0.46 -20.92
N ALA D 126 16.06 0.27 -21.75
CA ALA D 126 15.37 -0.37 -22.87
C ALA D 126 16.37 -1.00 -23.85
N ASP D 127 16.05 -2.20 -24.33
CA ASP D 127 16.92 -2.95 -25.24
C ASP D 127 16.58 -2.72 -26.71
N ILE D 129 13.48 -0.65 -29.60
CA ILE D 129 12.47 0.37 -29.81
C ILE D 129 11.38 -0.13 -30.75
N ASN D 130 10.14 -0.02 -30.30
CA ASN D 130 9.00 -0.43 -31.09
C ASN D 130 8.27 0.81 -31.59
N ASP D 131 8.44 1.14 -32.87
CA ASP D 131 7.88 2.38 -33.39
C ASP D 131 6.74 2.13 -34.37
N GLN D 132 5.55 2.52 -33.96
CA GLN D 132 4.35 2.37 -34.78
C GLN D 132 4.42 3.27 -36.01
N ARG D 133 5.39 4.17 -36.04
CA ARG D 133 5.57 5.07 -37.18
C ARG D 133 6.82 4.75 -37.99
N ALA D 134 7.50 3.67 -37.62
CA ALA D 134 8.63 3.20 -38.41
C ALA D 134 9.67 4.29 -38.65
N LEU D 135 9.93 5.08 -37.62
CA LEU D 135 10.99 6.09 -37.65
C LEU D 135 10.72 7.18 -38.68
N GLN D 136 9.45 7.56 -38.82
CA GLN D 136 9.06 8.63 -39.73
C GLN D 136 9.32 10.02 -39.16
N LEU D 137 9.11 10.19 -37.85
CA LEU D 137 9.31 11.49 -37.22
C LEU D 137 10.78 11.90 -37.31
N ASP D 138 11.02 13.13 -37.71
CA ASP D 138 12.39 13.59 -37.90
C ASP D 138 13.25 13.28 -36.67
N ASP D 139 14.51 12.97 -36.91
CA ASP D 139 15.47 12.64 -35.87
C ASP D 139 15.33 11.20 -35.35
N ALA D 140 14.17 10.60 -35.54
CA ALA D 140 13.96 9.20 -35.11
C ALA D 140 14.97 8.28 -35.78
N LEU D 141 15.11 8.40 -37.09
CA LEU D 141 16.04 7.56 -37.85
C LEU D 141 17.46 7.68 -37.30
N THR D 142 17.96 8.90 -37.25
CA THR D 142 19.31 9.16 -36.81
C THR D 142 19.50 8.77 -35.34
N THR D 143 18.44 8.93 -34.55
CA THR D 143 18.49 8.57 -33.14
C THR D 143 18.70 7.08 -32.96
N VAL D 144 17.94 6.29 -33.74
CA VAL D 144 18.01 4.84 -33.61
C VAL D 144 19.33 4.29 -34.13
N SER D 145 19.81 4.87 -35.23
CA SER D 145 21.11 4.49 -35.76
C SER D 145 22.22 4.71 -34.73
N ALA D 146 22.16 5.85 -34.04
CA ALA D 146 23.19 6.20 -33.05
C ALA D 146 23.05 5.38 -31.77
N LEU D 147 21.81 5.09 -31.38
CA LEU D 147 21.55 4.28 -30.19
C LEU D 147 22.00 2.83 -30.36
N LYS D 148 22.01 2.34 -31.60
CA LYS D 148 22.45 0.98 -31.90
C LYS D 148 21.57 -0.14 -31.33
N THR D 149 20.30 0.16 -31.12
CA THR D 149 19.37 -0.85 -30.63
C THR D 149 18.55 -1.41 -31.78
N PRO D 150 18.03 -2.64 -31.60
CA PRO D 150 17.04 -3.16 -32.54
C PRO D 150 15.82 -2.24 -32.58
N VAL D 151 15.10 -2.28 -33.70
CA VAL D 151 13.90 -1.46 -33.84
C VAL D 151 12.85 -2.23 -34.64
N CYS D 152 11.60 -2.12 -34.23
CA CYS D 152 10.48 -2.68 -34.98
C CYS D 152 9.85 -1.59 -35.81
N LEU D 153 9.81 -1.83 -37.12
CA LEU D 153 9.17 -0.90 -38.05
C LEU D 153 7.78 -1.42 -38.35
N HIS D 155 4.11 -0.97 -40.15
CA HIS D 155 3.47 -0.21 -41.23
C HIS D 155 2.31 0.62 -40.68
N PHE D 156 2.29 1.90 -41.03
CA PHE D 156 1.23 2.81 -40.61
C PHE D 156 0.84 3.69 -41.80
N PRO D 157 -0.47 4.02 -41.93
CA PRO D 157 -0.92 4.84 -43.07
C PRO D 157 -0.09 6.10 -43.25
N SER D 158 0.53 6.25 -44.42
CA SER D 158 1.26 7.48 -44.75
C SER D 158 0.31 8.64 -44.57
N GLU D 159 -0.96 8.41 -44.88
CA GLU D 159 -1.98 9.41 -44.74
C GLU D 159 -3.32 8.73 -44.45
N THR D 160 -4.36 9.54 -44.25
CA THR D 160 -5.69 9.00 -43.97
C THR D 160 -6.19 8.19 -45.16
N ARG D 161 -6.08 6.87 -45.04
CA ARG D 161 -6.56 5.98 -46.08
C ARG D 161 -8.02 5.65 -45.82
N LYS D 162 -8.81 5.51 -46.88
CA LYS D 162 -10.17 5.02 -46.72
C LYS D 162 -10.16 3.50 -46.81
N PRO D 163 -10.53 2.82 -45.72
CA PRO D 163 -10.52 1.35 -45.77
C PRO D 163 -11.47 0.85 -46.84
N GLY D 164 -11.09 -0.24 -47.51
CA GLY D 164 -11.94 -0.86 -48.52
C GLY D 164 -12.01 -0.06 -49.81
N SER D 165 -11.07 0.86 -50.01
CA SER D 165 -11.09 1.75 -51.17
C SER D 165 -10.28 1.19 -52.35
N THR D 166 -9.55 0.10 -52.12
CA THR D 166 -8.80 -0.56 -53.19
C THR D 166 -9.05 -2.05 -53.12
N THR D 167 -8.55 -2.81 -54.09
CA THR D 167 -8.61 -4.27 -54.00
C THR D 167 -7.62 -4.69 -52.90
N HIS D 168 -7.84 -5.87 -52.35
CA HIS D 168 -6.96 -6.39 -51.31
C HIS D 168 -5.56 -6.56 -51.83
N PHE D 169 -5.45 -7.07 -53.04
CA PHE D 169 -4.15 -7.32 -53.66
C PHE D 169 -3.36 -6.03 -53.81
N TYR D 170 -4.00 -4.97 -54.28
CA TYR D 170 -3.30 -3.72 -54.47
C TYR D 170 -2.95 -3.04 -53.15
N PHE D 171 -3.79 -3.22 -52.14
CA PHE D 171 -3.47 -2.70 -50.82
C PHE D 171 -2.21 -3.37 -50.29
N LEU D 172 -2.17 -4.70 -50.39
CA LEU D 172 -1.00 -5.47 -49.94
C LEU D 172 0.29 -5.02 -50.65
N GLN D 173 0.20 -4.77 -51.95
CA GLN D 173 1.34 -4.29 -52.71
C GLN D 173 1.87 -2.98 -52.12
N SER D 174 0.96 -2.07 -51.78
CA SER D 174 1.38 -0.79 -51.21
C SER D 174 2.01 -0.98 -49.82
N VAL D 175 1.48 -1.92 -49.06
CA VAL D 175 2.02 -2.17 -47.72
C VAL D 175 3.44 -2.70 -47.83
N LYS D 176 3.65 -3.66 -48.72
CA LYS D 176 4.97 -4.25 -48.92
C LYS D 176 5.96 -3.25 -49.49
N LYS D 177 5.49 -2.38 -50.36
CA LYS D 177 6.37 -1.40 -50.99
C LYS D 177 6.81 -0.40 -49.92
N GLU D 178 5.88 0.00 -49.07
CA GLU D 178 6.16 1.02 -48.07
C GLU D 178 7.06 0.47 -46.96
N LEU D 179 6.83 -0.77 -46.54
CA LEU D 179 7.73 -1.39 -45.58
C LEU D 179 9.13 -1.53 -46.16
N GLN D 180 9.23 -1.92 -47.42
CA GLN D 180 10.53 -2.09 -48.06
C GLN D 180 11.26 -0.74 -48.14
N GLU D 181 10.51 0.32 -48.43
CA GLU D 181 11.09 1.66 -48.38
C GLU D 181 11.58 2.02 -46.97
N SER D 182 10.83 1.62 -45.96
CA SER D 182 11.23 1.88 -44.57
C SER D 182 12.52 1.14 -44.21
N ILE D 183 12.58 -0.14 -44.58
CA ILE D 183 13.78 -0.93 -44.36
C ILE D 183 14.99 -0.26 -45.01
N GLN D 184 14.82 0.13 -46.27
CA GLN D 184 15.91 0.76 -47.01
C GLN D 184 16.39 2.06 -46.36
N ARG D 185 15.45 2.86 -45.84
CA ARG D 185 15.80 4.09 -45.14
C ARG D 185 16.67 3.78 -43.94
N CYS D 186 16.37 2.69 -43.25
CA CYS D 186 17.11 2.32 -42.06
C CYS D 186 18.54 1.91 -42.37
N LYS D 187 18.71 1.09 -43.41
CA LYS D 187 20.03 0.64 -43.80
C LYS D 187 20.89 1.81 -44.28
N LYS D 188 20.25 2.75 -44.96
CA LYS D 188 20.93 3.94 -45.44
C LYS D 188 21.37 4.81 -44.27
N ALA D 189 20.55 4.85 -43.22
CA ALA D 189 20.88 5.65 -42.04
C ALA D 189 21.93 4.95 -41.19
N GLY D 190 22.30 3.74 -41.58
CA GLY D 190 23.35 3.00 -40.91
C GLY D 190 22.86 2.04 -39.84
N ILE D 191 21.58 1.70 -39.88
CA ILE D 191 21.05 0.73 -38.92
C ILE D 191 21.34 -0.68 -39.41
N SER D 192 21.92 -1.50 -38.53
CA SER D 192 22.34 -2.86 -38.88
C SER D 192 21.17 -3.76 -39.26
N GLU D 193 21.42 -4.66 -40.21
CA GLU D 193 20.40 -5.57 -40.71
C GLU D 193 19.90 -6.52 -39.64
N ASP D 194 20.72 -6.80 -38.64
CA ASP D 194 20.31 -7.66 -37.54
C ASP D 194 19.66 -6.86 -36.42
N ARG D 195 19.22 -5.65 -36.75
CA ARG D 195 18.54 -4.80 -35.78
C ARG D 195 17.20 -4.29 -36.31
N ILE D 196 16.70 -4.94 -37.35
CA ILE D 196 15.45 -4.50 -37.96
C ILE D 196 14.40 -5.59 -37.89
N ILE D 197 13.26 -5.25 -37.29
CA ILE D 197 12.09 -6.10 -37.22
C ILE D 197 10.98 -5.39 -38.00
N ILE D 198 10.13 -6.11 -38.72
CA ILE D 198 9.00 -5.49 -39.40
C ILE D 198 7.66 -6.07 -38.95
N ASP D 199 6.60 -5.28 -39.14
CA ASP D 199 5.29 -5.58 -38.59
C ASP D 199 4.24 -4.97 -39.52
N PRO D 200 3.29 -5.80 -40.00
CA PRO D 200 2.29 -5.33 -40.98
C PRO D 200 1.35 -4.29 -40.38
N GLY D 201 1.35 -4.17 -39.06
CA GLY D 201 0.53 -3.17 -38.38
C GLY D 201 -0.95 -3.51 -38.35
N PHE D 202 -1.28 -4.66 -37.77
CA PHE D 202 -2.67 -5.10 -37.71
C PHE D 202 -3.52 -4.20 -36.81
N GLY D 203 -4.73 -3.89 -37.28
CA GLY D 203 -5.62 -3.01 -36.54
C GLY D 203 -6.57 -2.26 -37.46
N GLN D 204 -7.56 -1.61 -36.87
CA GLN D 204 -8.51 -0.79 -37.62
C GLN D 204 -8.37 0.67 -37.19
N GLY D 205 -9.40 1.47 -37.44
CA GLY D 205 -9.38 2.86 -37.05
C GLY D 205 -8.26 3.58 -37.77
N ASN D 206 -7.41 4.27 -37.03
CA ASN D 206 -6.32 5.02 -37.65
C ASN D 206 -5.17 4.14 -38.14
N TYR D 207 -5.28 2.82 -37.92
CA TYR D 207 -4.40 1.87 -38.61
C TYR D 207 -4.82 1.69 -40.07
N GLY D 208 -5.87 2.38 -40.48
CA GLY D 208 -6.23 2.48 -41.89
C GLY D 208 -6.61 1.22 -42.63
N LYS D 209 -7.23 0.27 -41.94
CA LYS D 209 -7.67 -0.97 -42.57
C LYS D 209 -9.04 -1.39 -42.04
N ASN D 210 -9.80 -2.14 -42.84
CA ASN D 210 -10.99 -2.80 -42.35
C ASN D 210 -10.72 -4.27 -41.97
N VAL D 211 -11.74 -5.02 -41.60
CA VAL D 211 -11.56 -6.39 -41.15
C VAL D 211 -10.99 -7.29 -42.24
N SER D 212 -11.61 -7.28 -43.41
N SER D 212 -11.61 -7.27 -43.41
CA SER D 212 -11.14 -8.14 -44.50
CA SER D 212 -11.16 -8.11 -44.51
C SER D 212 -9.68 -7.85 -44.87
C SER D 212 -9.70 -7.84 -44.88
N GLU D 213 -9.29 -6.57 -44.85
CA GLU D 213 -7.92 -6.20 -45.17
C GLU D 213 -6.93 -6.75 -44.16
N ASN D 214 -7.28 -6.69 -42.89
CA ASN D 214 -6.44 -7.29 -41.85
C ASN D 214 -6.26 -8.79 -42.06
N PHE D 215 -7.35 -9.48 -42.38
CA PHE D 215 -7.28 -10.93 -42.56
C PHE D 215 -6.49 -11.30 -43.81
N TYR D 216 -6.61 -10.46 -44.85
CA TYR D 216 -5.85 -10.68 -46.06
C TYR D 216 -4.35 -10.61 -45.78
N LEU D 217 -3.92 -9.59 -45.04
CA LEU D 217 -2.51 -9.46 -44.68
C LEU D 217 -2.04 -10.67 -43.87
N LEU D 218 -2.90 -11.15 -42.96
CA LEU D 218 -2.54 -12.29 -42.12
C LEU D 218 -2.41 -13.54 -42.98
N ASN D 219 -3.39 -13.77 -43.84
CA ASN D 219 -3.31 -14.90 -44.76
C ASN D 219 -2.03 -14.83 -45.62
N LYS D 220 -1.62 -13.61 -45.98
CA LYS D 220 -0.43 -13.42 -46.81
C LYS D 220 0.85 -13.13 -46.01
N LEU D 221 0.84 -13.39 -44.72
CA LEU D 221 2.01 -13.11 -43.89
C LEU D 221 3.32 -13.65 -44.47
N PRO D 222 3.30 -14.85 -45.09
CA PRO D 222 4.56 -15.36 -45.66
C PRO D 222 5.24 -14.37 -46.61
N GLU D 223 4.47 -13.50 -47.28
CA GLU D 223 5.07 -12.51 -48.17
C GLU D 223 5.93 -11.49 -47.42
N PHE D 224 5.55 -11.19 -46.18
CA PHE D 224 6.37 -10.35 -45.33
C PHE D 224 7.56 -11.15 -44.81
N VAL D 225 7.31 -12.40 -44.42
CA VAL D 225 8.37 -13.26 -43.92
C VAL D 225 9.49 -13.43 -44.97
N ALA D 226 9.11 -13.44 -46.24
CA ALA D 226 10.09 -13.61 -47.33
C ALA D 226 10.98 -12.39 -47.54
N GLY D 228 13.01 -11.32 -45.45
CA GLY D 228 14.30 -11.65 -44.85
C GLY D 228 14.59 -11.08 -43.47
N LEU D 229 13.59 -10.44 -42.85
CA LEU D 229 13.75 -9.90 -41.51
C LEU D 229 12.73 -10.54 -40.56
N PRO D 230 13.06 -10.62 -39.26
CA PRO D 230 12.05 -11.18 -38.36
C PRO D 230 10.76 -10.38 -38.39
N VAL D 231 9.63 -11.08 -38.39
CA VAL D 231 8.34 -10.42 -38.53
C VAL D 231 7.57 -10.47 -37.21
N LEU D 232 7.04 -9.32 -36.79
CA LEU D 232 6.29 -9.23 -35.55
C LEU D 232 4.82 -9.05 -35.89
N SER D 233 3.94 -9.65 -35.10
CA SER D 233 2.50 -9.58 -35.37
C SER D 233 1.71 -9.37 -34.09
N GLY D 234 0.75 -8.47 -34.13
CA GLY D 234 -0.04 -8.15 -32.95
C GLY D 234 -1.54 -8.08 -33.20
N TRP D 235 -2.24 -9.16 -32.89
CA TRP D 235 -3.69 -9.21 -33.02
C TRP D 235 -4.40 -9.10 -31.67
N SER D 236 -3.64 -9.27 -30.58
CA SER D 236 -4.20 -9.45 -29.25
C SER D 236 -5.40 -8.56 -28.87
N ARG D 237 -6.57 -9.20 -28.79
CA ARG D 237 -7.80 -8.56 -28.34
C ARG D 237 -8.21 -7.33 -29.15
N LYS D 238 -7.76 -7.29 -30.40
CA LYS D 238 -8.06 -6.15 -31.26
C LYS D 238 -9.46 -6.20 -31.88
N SER D 239 -9.86 -5.08 -32.48
CA SER D 239 -11.23 -4.90 -32.95
C SER D 239 -11.63 -5.87 -34.04
N ILE D 241 -11.08 -8.98 -34.12
CA ILE D 241 -11.60 -10.14 -33.41
C ILE D 241 -12.96 -9.81 -32.81
N GLY D 242 -13.04 -8.64 -32.17
CA GLY D 242 -14.28 -8.15 -31.64
C GLY D 242 -15.38 -8.12 -32.68
N ASP D 243 -15.08 -7.62 -33.88
CA ASP D 243 -16.07 -7.51 -34.94
C ASP D 243 -16.56 -8.87 -35.43
N VAL D 244 -15.63 -9.77 -35.68
CA VAL D 244 -15.97 -11.11 -36.17
C VAL D 244 -16.74 -11.94 -35.14
N LEU D 245 -16.37 -11.82 -33.87
CA LEU D 245 -16.99 -12.63 -32.83
C LEU D 245 -18.13 -11.91 -32.13
N ASN D 246 -18.25 -10.60 -32.38
CA ASN D 246 -19.18 -9.76 -31.62
C ASN D 246 -18.90 -9.85 -30.13
N GLN D 247 -17.66 -9.55 -29.74
CA GLN D 247 -17.24 -9.67 -28.35
C GLN D 247 -16.48 -8.42 -27.90
N PRO D 248 -16.70 -8.00 -26.64
CA PRO D 248 -15.89 -6.93 -26.03
C PRO D 248 -14.48 -7.47 -25.77
N PRO D 249 -13.50 -6.58 -25.56
CA PRO D 249 -12.08 -6.95 -25.43
C PRO D 249 -11.82 -8.11 -24.46
N GLU D 250 -12.55 -8.15 -23.35
CA GLU D 250 -12.33 -9.17 -22.33
C GLU D 250 -12.64 -10.58 -22.84
N ASN D 251 -13.47 -10.66 -23.88
CA ASN D 251 -13.90 -11.95 -24.40
C ASN D 251 -13.24 -12.33 -25.73
N ARG D 252 -12.11 -11.68 -26.05
CA ARG D 252 -11.50 -11.89 -27.36
C ARG D 252 -10.30 -12.82 -27.32
N LEU D 253 -10.09 -13.51 -26.21
CA LEU D 253 -8.91 -14.36 -26.07
C LEU D 253 -8.82 -15.45 -27.12
N PHE D 254 -9.90 -16.20 -27.29
CA PHE D 254 -9.85 -17.38 -28.16
C PHE D 254 -9.60 -17.01 -29.61
N GLY D 255 -10.23 -15.94 -30.07
CA GLY D 255 -9.99 -15.44 -31.42
C GLY D 255 -8.57 -14.91 -31.57
N SER D 256 -8.06 -14.29 -30.51
CA SER D 256 -6.71 -13.73 -30.55
C SER D 256 -5.70 -14.85 -30.67
N ILE D 257 -5.88 -15.89 -29.87
CA ILE D 257 -5.05 -17.08 -29.94
C ILE D 257 -5.00 -17.65 -31.35
N ALA D 258 -6.15 -17.70 -32.00
CA ALA D 258 -6.23 -18.22 -33.36
C ALA D 258 -5.38 -17.43 -34.34
N ALA D 259 -5.42 -16.11 -34.22
CA ALA D 259 -4.63 -15.24 -35.09
C ALA D 259 -3.12 -15.43 -34.84
N ASP D 260 -2.73 -15.57 -33.58
CA ASP D 260 -1.34 -15.81 -33.23
C ASP D 260 -0.83 -17.13 -33.79
N VAL D 261 -1.68 -18.15 -33.68
CA VAL D 261 -1.38 -19.46 -34.24
C VAL D 261 -1.12 -19.37 -35.75
N LEU D 262 -1.98 -18.65 -36.46
CA LEU D 262 -1.81 -18.53 -37.90
C LEU D 262 -0.57 -17.72 -38.23
N ALA D 263 -0.30 -16.66 -37.47
CA ALA D 263 0.86 -15.82 -37.73
C ALA D 263 2.14 -16.64 -37.58
N VAL D 264 2.21 -17.42 -36.50
CA VAL D 264 3.37 -18.25 -36.24
C VAL D 264 3.48 -19.35 -37.29
N TYR D 265 2.36 -19.97 -37.62
CA TYR D 265 2.35 -21.01 -38.64
C TYR D 265 2.92 -20.47 -39.96
N HIS D 266 2.66 -19.20 -40.25
CA HIS D 266 3.15 -18.54 -41.47
C HIS D 266 4.56 -17.97 -41.34
N GLY D 267 5.19 -18.13 -40.18
CA GLY D 267 6.58 -17.75 -40.02
C GLY D 267 6.89 -16.51 -39.20
N ALA D 268 5.88 -15.95 -38.52
CA ALA D 268 6.14 -14.84 -37.60
C ALA D 268 7.20 -15.20 -36.56
N SER D 269 8.05 -14.24 -36.22
CA SER D 269 9.14 -14.47 -35.27
C SER D 269 8.77 -13.99 -33.88
N ILE D 270 7.95 -12.95 -33.81
CA ILE D 270 7.55 -12.38 -32.53
C ILE D 270 6.05 -12.14 -32.49
N ILE D 271 5.41 -12.51 -31.39
CA ILE D 271 3.99 -12.22 -31.20
C ILE D 271 3.81 -11.26 -30.04
N ARG D 272 3.15 -10.13 -30.29
CA ARG D 272 2.87 -9.12 -29.26
C ARG D 272 1.49 -9.37 -28.67
N THR D 273 1.42 -9.63 -27.37
CA THR D 273 0.18 -10.11 -26.77
C THR D 273 -0.08 -9.58 -25.35
N HIS D 274 -1.36 -9.51 -24.99
CA HIS D 274 -1.73 -9.22 -23.60
C HIS D 274 -1.77 -10.51 -22.78
N ASP D 275 -1.68 -11.65 -23.45
CA ASP D 275 -1.92 -12.94 -22.80
C ASP D 275 -0.78 -13.93 -23.03
N VAL D 276 0.27 -13.81 -22.22
CA VAL D 276 1.52 -14.50 -22.50
C VAL D 276 1.43 -16.03 -22.45
N LYS D 277 0.94 -16.58 -21.33
CA LYS D 277 0.88 -18.03 -21.18
C LYS D 277 0.01 -18.68 -22.27
N ALA D 278 -1.20 -18.17 -22.46
CA ALA D 278 -2.09 -18.72 -23.49
C ALA D 278 -1.44 -18.68 -24.87
N THR D 279 -0.82 -17.56 -25.20
CA THR D 279 -0.16 -17.41 -26.49
C THR D 279 1.00 -18.38 -26.65
N ARG D 280 1.84 -18.47 -25.62
CA ARG D 280 3.00 -19.36 -25.67
C ARG D 280 2.57 -20.81 -25.92
N GLU D 281 1.52 -21.24 -25.22
CA GLU D 281 1.04 -22.60 -25.38
C GLU D 281 0.49 -22.86 -26.78
N ALA D 282 -0.34 -21.94 -27.27
CA ALA D 282 -0.92 -22.11 -28.60
C ALA D 282 0.12 -22.11 -29.70
N ILE D 283 1.08 -21.19 -29.64
CA ILE D 283 2.07 -21.11 -30.71
C ILE D 283 3.09 -22.24 -30.68
N LYS D 284 3.25 -22.89 -29.53
CA LYS D 284 4.09 -24.08 -29.52
C LYS D 284 3.46 -25.15 -30.43
N ILE D 285 2.13 -25.22 -30.42
CA ILE D 285 1.43 -26.15 -31.31
C ILE D 285 1.63 -25.74 -32.78
N ALA D 286 1.47 -24.46 -33.06
CA ALA D 286 1.72 -23.94 -34.40
C ALA D 286 3.15 -24.24 -34.86
N THR D 287 4.12 -24.00 -33.99
CA THR D 287 5.51 -24.24 -34.35
C THR D 287 5.74 -25.72 -34.62
N TYR D 288 5.17 -26.58 -33.80
CA TYR D 288 5.35 -28.01 -34.00
C TYR D 288 4.81 -28.44 -35.37
N THR D 289 3.63 -27.96 -35.72
CA THR D 289 2.97 -28.33 -36.97
C THR D 289 3.77 -27.83 -38.17
N ARG D 290 4.23 -26.58 -38.08
CA ARG D 290 4.93 -25.93 -39.18
C ARG D 290 6.25 -26.63 -39.50
N SER D 291 6.90 -27.18 -38.46
CA SER D 291 8.26 -27.68 -38.61
C SER D 291 8.35 -29.20 -38.65
N VAL D 292 7.21 -29.88 -38.58
CA VAL D 292 7.21 -31.35 -38.60
C VAL D 292 7.66 -31.85 -39.96
N ASP D 293 7.43 -31.04 -40.99
CA ASP D 293 7.78 -31.34 -42.38
C ASP D 293 8.01 -32.83 -42.67
#